data_5JKB
#
_entry.id   5JKB
#
_cell.length_a   96.770
_cell.length_b   88.579
_cell.length_c   108.132
_cell.angle_alpha   90.00
_cell.angle_beta   96.88
_cell.angle_gamma   90.00
#
_symmetry.space_group_name_H-M   'I 1 2 1'
#
loop_
_entity.id
_entity.type
_entity.pdbx_description
1 polymer 'Sperm-egg fusion protein Juno'
2 non-polymer 'CHLORIDE ION'
#
_entity_poly.entity_id   1
_entity_poly.type   'polypeptide(L)'
_entity_poly.pdbx_seq_one_letter_code
;RSPWGDELLNICMNAKHHKRVPSPEDKLYEECIPWKDNACCTLTTSWEAHLDVSPLYNFSLFHCGLLMPGCRKHFIQAIC
FYECSPNLGPWIQPVGSLGWEVAPSGQGERVVNVPLCQEDCEEWWEDCRMSYTCKSNWRGGWDWSQGKNRCPKGAQCLPF
SHYFPTPADLCEKTWSNSFKASPERRNSGRCLQKWFEPAQGNPNVAVARLFASEFLEVLFQ
;
_entity_poly.pdbx_strand_id   A,B,C,D
#
# COMPACT_ATOMS: atom_id res chain seq x y z
N PRO A 3 12.37 13.33 -10.66
CA PRO A 3 12.19 13.68 -9.25
C PRO A 3 12.42 15.15 -9.12
N TRP A 4 11.42 15.93 -8.70
CA TRP A 4 11.59 17.38 -8.78
C TRP A 4 10.52 18.27 -8.14
N GLY A 5 10.88 19.54 -7.95
CA GLY A 5 9.95 20.56 -7.47
C GLY A 5 9.45 20.28 -6.07
N ASP A 6 8.16 20.44 -5.87
CA ASP A 6 7.56 20.16 -4.58
C ASP A 6 7.75 18.73 -4.16
N GLU A 7 8.00 17.88 -5.13
CA GLU A 7 8.21 16.48 -4.83
C GLU A 7 9.34 16.33 -3.80
N LEU A 8 10.20 17.34 -3.75
CA LEU A 8 11.38 17.32 -2.87
C LEU A 8 11.29 18.02 -1.52
N LEU A 9 10.29 18.88 -1.33
CA LEU A 9 10.14 19.59 -0.07
C LEU A 9 9.42 18.75 0.98
N ASN A 10 9.85 18.89 2.22
CA ASN A 10 9.16 18.25 3.34
C ASN A 10 9.02 16.73 3.25
N ILE A 11 10.15 16.10 2.98
CA ILE A 11 10.26 14.66 2.85
C ILE A 11 11.44 14.18 3.68
N CYS A 12 11.44 12.87 3.91
CA CYS A 12 12.51 12.18 4.62
C CYS A 12 13.14 11.17 3.71
N MET A 13 14.47 11.16 3.66
CA MET A 13 15.17 10.17 2.86
C MET A 13 14.80 8.78 3.33
N ASN A 14 14.82 7.85 2.37
CA ASN A 14 14.61 6.48 2.68
C ASN A 14 15.87 5.77 3.19
N ALA A 15 16.27 6.09 4.41
CA ALA A 15 17.34 5.35 5.09
C ALA A 15 16.74 4.59 6.27
N LYS A 16 17.54 3.76 6.93
CA LYS A 16 16.97 2.76 7.83
C LYS A 16 16.27 3.32 9.06
N HIS A 17 16.68 4.48 9.59
CA HIS A 17 16.04 5.02 10.80
C HIS A 17 14.98 6.07 10.53
N HIS A 18 14.97 6.63 9.34
CA HIS A 18 14.13 7.77 9.08
C HIS A 18 12.65 7.43 9.13
N LYS A 19 11.88 8.40 9.58
CA LYS A 19 10.44 8.34 9.52
C LYS A 19 10.01 8.42 8.07
N ARG A 20 8.84 7.87 7.81
CA ARG A 20 8.37 7.73 6.45
C ARG A 20 8.04 9.09 5.88
N VAL A 21 7.47 9.95 6.71
CA VAL A 21 7.29 11.37 6.37
C VAL A 21 7.53 12.22 7.59
N PRO A 22 7.82 13.52 7.38
CA PRO A 22 8.10 14.26 8.61
C PRO A 22 6.82 14.59 9.33
N SER A 23 6.92 14.77 10.63
CA SER A 23 5.78 15.21 11.44
C SER A 23 6.27 15.78 12.76
N PRO A 24 5.40 16.52 13.46
CA PRO A 24 5.87 17.09 14.72
C PRO A 24 6.18 16.00 15.75
N GLU A 25 7.10 16.31 16.66
CA GLU A 25 7.45 15.41 17.77
C GLU A 25 7.35 16.16 19.05
N ASP A 26 6.52 15.65 19.95
CA ASP A 26 6.21 16.31 21.24
C ASP A 26 7.50 16.49 22.03
N LYS A 27 8.32 15.44 21.96
CA LYS A 27 9.59 15.36 22.67
C LYS A 27 10.71 14.87 21.74
N LEU A 28 11.74 15.69 21.61
CA LEU A 28 13.01 15.26 21.07
C LEU A 28 14.09 15.65 22.04
N TYR A 29 15.15 14.87 22.00
CA TYR A 29 16.17 14.90 23.02
C TYR A 29 17.26 15.92 22.70
N GLU A 30 17.51 16.78 23.68
CA GLU A 30 18.62 17.74 23.72
C GLU A 30 18.97 18.43 22.40
N GLU A 31 20.14 18.16 21.84
CA GLU A 31 20.60 18.73 20.56
C GLU A 31 19.66 18.58 19.35
N CYS A 32 18.74 17.61 19.38
CA CYS A 32 17.72 17.47 18.30
C CYS A 32 16.46 18.35 18.48
N ILE A 33 16.37 19.10 19.57
CA ILE A 33 15.18 19.91 19.84
C ILE A 33 14.77 20.87 18.71
N PRO A 34 15.75 21.48 18.00
CA PRO A 34 15.36 22.42 16.93
C PRO A 34 14.41 21.87 15.88
N TRP A 35 14.42 20.55 15.67
CA TRP A 35 13.60 19.92 14.62
C TRP A 35 12.21 19.47 15.09
N LYS A 36 11.84 19.72 16.34
CA LYS A 36 10.65 19.06 16.90
C LYS A 36 9.33 19.55 16.29
N ASP A 37 9.34 20.76 15.73
CA ASP A 37 8.27 21.28 14.84
C ASP A 37 7.82 20.31 13.76
N ASN A 38 8.80 19.66 13.15
CA ASN A 38 8.57 18.88 11.96
C ASN A 38 9.83 18.06 11.69
N ALA A 39 9.79 16.80 12.13
CA ALA A 39 10.98 15.98 12.21
C ALA A 39 10.88 14.68 11.42
N CYS A 40 12.02 14.27 10.88
CA CYS A 40 12.18 12.97 10.25
C CYS A 40 12.72 11.93 11.22
N CYS A 41 12.99 12.33 12.46
CA CYS A 41 13.54 11.41 13.47
C CYS A 41 12.52 11.20 14.58
N THR A 42 12.51 9.99 15.13
CA THR A 42 11.69 9.66 16.30
C THR A 42 12.42 10.05 17.58
N LEU A 43 11.69 10.04 18.70
CA LEU A 43 12.27 10.33 20.00
C LEU A 43 13.40 9.36 20.25
N THR A 44 13.17 8.10 19.91
CA THR A 44 14.21 7.08 20.08
C THR A 44 15.52 7.42 19.36
N THR A 45 15.39 7.76 18.09
CA THR A 45 16.54 8.10 17.32
C THR A 45 17.26 9.27 17.97
N SER A 46 16.51 10.27 18.40
CA SER A 46 17.14 11.44 18.93
C SER A 46 17.98 11.09 20.15
N TRP A 47 17.48 10.24 21.00
CA TRP A 47 18.23 9.83 22.15
C TRP A 47 19.47 9.01 21.75
N GLU A 48 19.27 8.10 20.83
CA GLU A 48 20.35 7.25 20.35
C GLU A 48 21.48 8.05 19.72
N ALA A 49 21.14 9.22 19.21
CA ALA A 49 22.14 10.14 18.69
C ALA A 49 23.10 10.68 19.75
N HIS A 50 22.64 10.75 21.00
CA HIS A 50 23.43 11.25 22.13
C HIS A 50 24.26 10.21 22.90
N LEU A 51 24.12 8.95 22.54
CA LEU A 51 24.89 7.89 23.20
C LEU A 51 26.36 8.02 22.91
N ASP A 52 27.17 7.62 23.88
CA ASP A 52 28.63 7.70 23.77
C ASP A 52 29.14 7.15 22.43
N VAL A 53 28.57 6.01 22.04
CA VAL A 53 28.76 5.45 20.70
C VAL A 53 27.36 5.16 20.20
N SER A 54 26.89 5.96 19.26
CA SER A 54 25.52 5.83 18.78
C SER A 54 25.31 4.50 18.07
N PRO A 55 24.27 3.73 18.48
CA PRO A 55 23.95 2.51 17.76
C PRO A 55 23.36 2.73 16.36
N LEU A 56 23.06 4.00 16.04
CA LEU A 56 22.58 4.37 14.71
C LEU A 56 23.59 4.00 13.65
N TYR A 57 24.88 4.15 13.94
CA TYR A 57 25.94 3.77 12.99
C TYR A 57 27.00 2.80 13.54
N ASN A 58 26.96 2.50 14.83
CA ASN A 58 28.04 1.77 15.52
C ASN A 58 29.47 2.32 15.24
N PHE A 59 29.56 3.64 15.07
CA PHE A 59 30.82 4.32 14.81
C PHE A 59 31.28 5.14 16.01
N SER A 60 32.45 4.82 16.56
CA SER A 60 32.94 5.53 17.74
C SER A 60 33.75 6.76 17.37
N LEU A 61 33.33 7.90 17.90
CA LEU A 61 34.14 9.13 17.83
C LEU A 61 35.34 9.14 18.78
N PHE A 62 35.36 8.21 19.73
CA PHE A 62 36.39 8.15 20.77
C PHE A 62 37.52 7.21 20.40
N HIS A 63 37.61 6.84 19.13
CA HIS A 63 38.70 6.00 18.63
C HIS A 63 40.12 6.46 19.00
N CYS A 64 40.31 7.75 19.28
CA CYS A 64 41.60 8.21 19.82
C CYS A 64 41.56 8.68 21.28
N GLY A 65 40.46 8.42 21.99
CA GLY A 65 40.38 8.74 23.44
C GLY A 65 40.13 10.20 23.76
N LEU A 66 40.89 11.09 23.14
CA LEU A 66 40.83 12.52 23.43
C LEU A 66 39.86 13.23 22.49
N LEU A 67 38.62 13.42 22.95
CA LEU A 67 37.61 14.11 22.16
C LEU A 67 36.96 15.12 23.08
N MET A 68 37.08 16.40 22.73
CA MET A 68 36.60 17.46 23.60
C MET A 68 35.09 17.54 23.56
N PRO A 69 34.45 17.88 24.70
CA PRO A 69 32.98 18.01 24.69
C PRO A 69 32.44 19.02 23.66
N GLY A 70 33.13 20.15 23.50
CA GLY A 70 32.78 21.15 22.46
C GLY A 70 32.75 20.58 21.05
N CYS A 71 33.68 19.65 20.79
CA CYS A 71 33.78 18.98 19.52
C CYS A 71 32.67 17.96 19.36
N ARG A 72 32.51 17.10 20.36
CA ARG A 72 31.50 16.04 20.27
C ARG A 72 30.12 16.63 20.08
N LYS A 73 29.85 17.74 20.75
CA LYS A 73 28.58 18.45 20.57
C LYS A 73 28.22 18.72 19.10
N HIS A 74 29.20 19.18 18.32
CA HIS A 74 28.99 19.41 16.88
C HIS A 74 28.61 18.14 16.14
N PHE A 75 29.31 17.05 16.47
CA PHE A 75 29.05 15.75 15.83
C PHE A 75 27.64 15.25 16.16
N ILE A 76 27.19 15.45 17.39
CA ILE A 76 25.82 15.07 17.77
C ILE A 76 24.80 15.92 17.00
N GLN A 77 25.04 17.23 16.92
CA GLN A 77 24.17 18.10 16.15
C GLN A 77 24.07 17.63 14.69
N ALA A 78 25.22 17.27 14.09
CA ALA A 78 25.26 16.75 12.73
C ALA A 78 24.37 15.51 12.57
N ILE A 79 24.36 14.63 13.55
CA ILE A 79 23.51 13.46 13.50
C ILE A 79 22.05 13.88 13.50
N CYS A 80 21.69 14.77 14.43
CA CYS A 80 20.30 15.27 14.51
C CYS A 80 19.88 15.83 13.17
N PHE A 81 20.73 16.66 12.60
CA PHE A 81 20.46 17.28 11.30
C PHE A 81 20.14 16.22 10.25
N TYR A 82 21.06 15.24 10.13
CA TYR A 82 20.95 14.13 9.16
C TYR A 82 19.67 13.32 9.35
N GLU A 83 19.42 12.94 10.61
CA GLU A 83 18.30 12.06 10.94
C GLU A 83 16.97 12.77 11.07
N CYS A 84 17.00 14.06 11.38
CA CYS A 84 15.76 14.83 11.67
C CYS A 84 15.29 15.81 10.59
N SER A 85 16.20 16.35 9.79
CA SER A 85 15.80 17.44 8.88
C SER A 85 14.78 16.94 7.85
N PRO A 86 13.67 17.69 7.67
CA PRO A 86 12.74 17.48 6.57
C PRO A 86 13.14 18.29 5.33
N ASN A 87 14.32 18.90 5.33
CA ASN A 87 14.71 19.89 4.33
C ASN A 87 15.91 19.47 3.47
N LEU A 88 16.14 18.18 3.40
CA LEU A 88 17.25 17.65 2.63
C LEU A 88 16.88 17.11 1.25
N GLY A 89 15.59 17.15 0.91
CA GLY A 89 15.10 16.54 -0.31
C GLY A 89 15.89 16.82 -1.59
N PRO A 90 16.27 18.09 -1.80
CA PRO A 90 17.03 18.40 -3.00
C PRO A 90 18.41 17.77 -3.10
N TRP A 91 18.93 17.23 -2.02
CA TRP A 91 20.23 16.57 -2.05
C TRP A 91 20.12 15.07 -1.87
N ILE A 92 18.91 14.54 -1.80
CA ILE A 92 18.69 13.11 -1.68
C ILE A 92 19.01 12.48 -3.02
N GLN A 93 19.74 11.37 -2.99
CA GLN A 93 20.09 10.61 -4.17
C GLN A 93 20.09 9.12 -3.81
N PRO A 94 19.93 8.22 -4.82
CA PRO A 94 19.88 6.76 -4.48
C PRO A 94 21.06 6.01 -3.77
N GLY A 108 17.59 1.76 -0.26
CA GLY A 108 18.29 2.80 0.48
C GLY A 108 18.44 4.11 -0.29
N GLU A 109 18.33 5.22 0.44
CA GLU A 109 18.67 6.55 -0.07
C GLU A 109 19.63 7.20 0.90
N ARG A 110 20.26 8.25 0.39
CA ARG A 110 21.22 8.99 1.17
C ARG A 110 21.24 10.39 0.63
N VAL A 111 22.18 11.17 1.11
CA VAL A 111 22.27 12.56 0.78
C VAL A 111 23.70 12.81 0.27
N VAL A 112 23.85 13.70 -0.70
CA VAL A 112 25.16 14.02 -1.24
C VAL A 112 25.33 15.53 -1.34
N ASN A 113 26.44 16.03 -0.80
CA ASN A 113 26.88 17.41 -0.92
C ASN A 113 25.88 18.48 -0.48
N VAL A 114 25.19 18.21 0.62
CA VAL A 114 24.34 19.23 1.26
C VAL A 114 25.24 20.39 1.61
N PRO A 115 24.94 21.58 1.10
CA PRO A 115 25.83 22.72 1.33
C PRO A 115 25.65 23.31 2.73
N LEU A 116 26.68 23.15 3.56
CA LEU A 116 26.68 23.71 4.90
C LEU A 116 27.33 25.07 4.88
N CYS A 117 26.70 26.00 5.58
CA CYS A 117 27.21 27.36 5.63
C CYS A 117 28.60 27.43 6.21
N GLN A 118 29.31 28.45 5.80
CA GLN A 118 30.69 28.63 6.20
C GLN A 118 30.88 28.62 7.72
N GLU A 119 30.01 29.32 8.44
CA GLU A 119 30.10 29.38 9.91
C GLU A 119 29.95 28.01 10.54
N ASP A 120 29.08 27.19 9.97
CA ASP A 120 28.87 25.86 10.53
C ASP A 120 30.13 25.00 10.46
N CYS A 121 30.80 25.02 9.32
CA CYS A 121 32.05 24.28 9.15
C CYS A 121 33.20 24.90 9.93
N GLU A 122 33.25 26.22 9.92
CA GLU A 122 34.26 27.00 10.64
C GLU A 122 34.26 26.70 12.14
N GLU A 123 33.10 26.82 12.75
CA GLU A 123 32.96 26.64 14.19
C GLU A 123 33.22 25.21 14.63
N TRP A 124 32.73 24.28 13.83
CA TRP A 124 32.92 22.86 14.07
C TRP A 124 34.42 22.53 14.04
N TRP A 125 35.11 23.05 13.02
CA TRP A 125 36.55 22.87 12.90
C TRP A 125 37.28 23.48 14.10
N GLU A 126 36.96 24.74 14.39
CA GLU A 126 37.64 25.46 15.49
C GLU A 126 37.50 24.72 16.80
N ASP A 127 36.29 24.27 17.09
CA ASP A 127 36.00 23.54 18.33
C ASP A 127 36.60 22.13 18.41
N CYS A 128 37.00 21.57 17.27
CA CYS A 128 37.63 20.24 17.22
C CYS A 128 39.15 20.20 17.04
N ARG A 129 39.79 21.36 16.90
CA ARG A 129 41.24 21.45 16.69
C ARG A 129 42.03 20.68 17.72
N MET A 130 41.63 20.83 18.97
CA MET A 130 42.34 20.24 20.08
C MET A 130 42.01 18.78 20.34
N SER A 131 40.98 18.23 19.67
CA SER A 131 40.65 16.82 19.80
C SER A 131 41.52 15.98 18.88
N TYR A 132 41.50 14.66 19.06
CA TYR A 132 42.41 13.74 18.33
C TYR A 132 41.66 12.69 17.49
N THR A 133 42.19 12.42 16.29
CA THR A 133 41.75 11.31 15.42
C THR A 133 42.98 10.66 14.81
N CYS A 134 42.78 9.55 14.10
CA CYS A 134 43.89 8.82 13.45
C CYS A 134 43.78 8.67 11.95
N LYS A 135 42.74 9.22 11.34
CA LYS A 135 42.48 9.09 9.90
C LYS A 135 41.89 10.36 9.36
N SER A 136 42.21 10.70 8.13
CA SER A 136 41.61 11.88 7.49
C SER A 136 40.46 11.48 6.62
N ASN A 137 40.26 10.19 6.37
CA ASN A 137 39.07 9.74 5.69
C ASN A 137 38.36 8.62 6.43
N TRP A 138 37.26 8.98 7.06
CA TRP A 138 36.55 8.11 7.96
C TRP A 138 35.63 7.11 7.26
N ARG A 139 35.46 7.23 5.95
CA ARG A 139 34.49 6.41 5.20
C ARG A 139 34.83 4.90 5.18
N GLY A 140 36.11 4.56 5.23
CA GLY A 140 36.51 3.17 5.33
C GLY A 140 37.93 3.01 5.82
N GLY A 141 38.35 1.76 5.94
CA GLY A 141 39.72 1.43 6.33
C GLY A 141 39.98 1.42 7.82
N TRP A 142 38.93 1.16 8.59
CA TRP A 142 39.05 1.02 10.03
C TRP A 142 39.28 -0.42 10.37
N ASP A 143 39.86 -0.62 11.54
CA ASP A 143 39.92 -1.92 12.14
C ASP A 143 38.64 -2.14 12.91
N TRP A 144 37.92 -3.22 12.61
CA TRP A 144 36.55 -3.43 13.09
C TRP A 144 36.34 -4.68 13.96
N SER A 145 37.28 -4.96 14.86
CA SER A 145 37.24 -6.22 15.64
C SER A 145 36.20 -6.27 16.81
N GLN A 146 35.88 -5.15 17.44
CA GLN A 146 34.93 -5.14 18.59
C GLN A 146 33.48 -4.87 18.15
N GLY A 147 33.21 -4.89 16.85
CA GLY A 147 31.97 -4.28 16.32
C GLY A 147 31.97 -2.75 16.44
N LYS A 148 33.11 -2.21 16.85
CA LYS A 148 33.34 -0.79 16.96
C LYS A 148 34.68 -0.63 16.31
N ASN A 149 34.80 0.49 15.60
CA ASN A 149 35.99 0.80 14.85
C ASN A 149 37.13 1.20 15.75
N ARG A 150 38.33 0.77 15.35
CA ARG A 150 39.57 1.16 15.99
C ARG A 150 40.56 1.60 14.96
N CYS A 151 41.52 2.38 15.41
CA CYS A 151 42.58 2.84 14.54
C CYS A 151 43.35 1.64 14.03
N PRO A 152 43.56 1.58 12.71
CA PRO A 152 44.35 0.46 12.20
C PRO A 152 45.83 0.60 12.53
N LYS A 153 46.58 -0.49 12.38
CA LYS A 153 47.99 -0.51 12.72
C LYS A 153 48.73 0.56 11.94
N GLY A 154 49.53 1.35 12.65
CA GLY A 154 50.30 2.44 12.03
C GLY A 154 49.61 3.80 11.99
N ALA A 155 48.30 3.84 12.24
CA ALA A 155 47.56 5.09 12.20
C ALA A 155 47.74 5.85 13.50
N GLN A 156 48.58 6.87 13.49
CA GLN A 156 48.88 7.64 14.67
C GLN A 156 47.76 8.56 15.08
N CYS A 157 47.46 8.61 16.37
CA CYS A 157 46.48 9.59 16.88
C CYS A 157 47.13 10.94 16.95
N LEU A 158 46.56 11.89 16.21
CA LEU A 158 47.09 13.25 16.15
C LEU A 158 45.93 14.24 16.19
N PRO A 159 46.22 15.53 16.38
CA PRO A 159 45.13 16.49 16.40
C PRO A 159 44.29 16.48 15.11
N PHE A 160 42.99 16.74 15.26
CA PHE A 160 42.10 16.91 14.13
C PHE A 160 42.70 17.84 13.10
N SER A 161 43.25 18.96 13.55
CA SER A 161 43.87 19.94 12.63
C SER A 161 44.99 19.35 11.77
N HIS A 162 45.61 18.25 12.20
CA HIS A 162 46.53 17.51 11.33
C HIS A 162 45.82 16.72 10.23
N TYR A 163 44.83 15.90 10.58
CA TYR A 163 44.14 15.06 9.58
C TYR A 163 43.09 15.83 8.76
N PHE A 164 42.59 16.93 9.33
CA PHE A 164 41.61 17.80 8.66
C PHE A 164 42.20 19.20 8.65
N PRO A 165 43.11 19.47 7.69
CA PRO A 165 43.79 20.77 7.68
C PRO A 165 42.85 21.95 7.64
N THR A 166 41.72 21.82 6.96
CA THR A 166 40.76 22.92 6.85
C THR A 166 39.35 22.51 7.26
N PRO A 167 38.49 23.50 7.58
CA PRO A 167 37.07 23.22 7.90
C PRO A 167 36.36 22.39 6.85
N ALA A 168 36.61 22.73 5.58
CA ALA A 168 36.08 21.96 4.48
C ALA A 168 36.44 20.47 4.57
N ASP A 169 37.69 20.17 4.89
CA ASP A 169 38.10 18.77 5.01
C ASP A 169 37.22 18.02 6.02
N LEU A 170 36.99 18.69 7.14
CA LEU A 170 36.25 18.11 8.26
C LEU A 170 34.80 17.88 7.90
N CYS A 171 34.15 18.94 7.43
CA CYS A 171 32.74 18.87 6.97
C CYS A 171 32.50 17.76 5.98
N GLU A 172 33.43 17.64 5.04
CA GLU A 172 33.23 16.75 3.90
C GLU A 172 33.60 15.30 4.18
N LYS A 173 34.73 15.06 4.85
CA LYS A 173 35.31 13.69 4.96
C LYS A 173 34.88 12.84 6.14
N THR A 174 34.24 13.45 7.12
CA THR A 174 33.74 12.74 8.29
C THR A 174 32.42 12.06 8.03
N TRP A 175 31.66 12.61 7.09
CA TRP A 175 30.33 12.13 6.80
C TRP A 175 30.18 11.59 5.38
N SER A 176 31.31 11.19 4.79
CA SER A 176 31.34 10.52 3.52
C SER A 176 30.59 11.32 2.42
N ASN A 177 30.91 12.62 2.36
CA ASN A 177 30.37 13.55 1.37
C ASN A 177 28.86 13.79 1.46
N SER A 178 28.25 13.50 2.61
CA SER A 178 26.88 13.91 2.86
C SER A 178 26.81 15.43 2.88
N PHE A 179 27.86 16.06 3.40
CA PHE A 179 27.94 17.52 3.47
C PHE A 179 29.05 18.09 2.58
N LYS A 180 28.81 19.30 2.11
CA LYS A 180 29.77 20.09 1.34
C LYS A 180 29.98 21.36 2.11
N ALA A 181 31.22 21.80 2.18
CA ALA A 181 31.53 23.08 2.82
C ALA A 181 31.26 24.22 1.85
N SER A 182 30.13 24.89 2.04
CA SER A 182 29.75 25.95 1.12
C SER A 182 30.63 27.17 1.35
N PRO A 183 30.97 27.89 0.26
CA PRO A 183 31.57 29.20 0.43
C PRO A 183 30.56 30.29 0.86
N GLU A 184 29.26 30.00 0.74
CA GLU A 184 28.19 30.91 1.19
C GLU A 184 28.10 30.92 2.71
N ARG A 185 27.66 32.05 3.27
CA ARG A 185 27.54 32.24 4.71
C ARG A 185 26.08 32.16 5.17
N ARG A 186 25.91 32.10 6.48
CA ARG A 186 24.59 31.98 7.08
C ARG A 186 23.76 33.17 6.67
N ASN A 187 22.46 32.93 6.52
CA ASN A 187 21.49 33.93 6.02
C ASN A 187 21.69 34.41 4.59
N SER A 188 22.56 33.74 3.82
CA SER A 188 22.69 34.00 2.39
C SER A 188 21.50 33.43 1.62
N GLY A 189 20.73 32.51 2.23
CA GLY A 189 19.68 31.79 1.51
C GLY A 189 20.21 30.69 0.60
N ARG A 190 21.54 30.50 0.54
CA ARG A 190 22.17 29.52 -0.35
C ARG A 190 22.88 28.35 0.36
N CYS A 191 22.72 28.24 1.68
CA CYS A 191 23.37 27.16 2.44
C CYS A 191 22.54 26.81 3.64
N LEU A 192 22.71 25.58 4.13
CA LEU A 192 21.98 25.09 5.29
C LEU A 192 22.85 25.18 6.55
N GLN A 193 22.18 25.37 7.68
CA GLN A 193 22.82 25.23 8.97
C GLN A 193 22.57 23.83 9.51
N LYS A 194 23.58 23.22 10.12
CA LYS A 194 23.40 21.91 10.76
C LYS A 194 22.76 22.03 12.13
N TRP A 195 22.67 23.25 12.65
CA TRP A 195 21.96 23.49 13.91
C TRP A 195 21.51 24.94 13.94
N PHE A 196 20.43 25.20 14.65
CA PHE A 196 19.92 26.54 14.80
C PHE A 196 19.18 26.64 16.12
N GLU A 197 19.10 27.88 16.61
CA GLU A 197 18.41 28.15 17.86
C GLU A 197 16.89 27.98 17.62
N PRO A 198 16.23 27.10 18.41
CA PRO A 198 14.82 26.79 18.21
C PRO A 198 13.93 28.01 18.15
N ALA A 199 14.18 28.97 19.03
CA ALA A 199 13.38 30.20 19.07
C ALA A 199 13.32 30.98 17.74
N GLN A 200 14.36 30.88 16.90
CA GLN A 200 14.46 31.71 15.67
C GLN A 200 13.84 31.09 14.43
N GLY A 201 13.30 29.87 14.54
CA GLY A 201 12.69 29.22 13.39
C GLY A 201 13.71 28.65 12.43
N ASN A 202 13.27 27.65 11.66
CA ASN A 202 14.17 26.85 10.84
C ASN A 202 14.58 27.63 9.59
N PRO A 203 15.85 28.05 9.51
CA PRO A 203 16.28 28.83 8.35
C PRO A 203 16.56 27.98 7.11
N ASN A 204 16.51 26.66 7.23
CA ASN A 204 16.80 25.78 6.11
C ASN A 204 15.59 25.55 5.22
N VAL A 205 14.38 25.86 5.69
CA VAL A 205 13.17 25.65 4.88
C VAL A 205 13.25 26.42 3.57
N ALA A 206 13.61 27.70 3.70
CA ALA A 206 13.79 28.61 2.55
C ALA A 206 14.83 28.11 1.54
N VAL A 207 15.87 27.46 2.04
CA VAL A 207 17.02 27.06 1.23
C VAL A 207 16.63 25.84 0.40
N ALA A 208 15.99 24.86 1.02
CA ALA A 208 15.47 23.70 0.29
C ALA A 208 14.49 24.13 -0.78
N ARG A 209 13.57 25.03 -0.42
CA ARG A 209 12.57 25.54 -1.36
C ARG A 209 13.25 26.15 -2.59
N LEU A 210 14.27 26.98 -2.35
CA LEU A 210 15.02 27.59 -3.43
C LEU A 210 15.64 26.55 -4.36
N PHE A 211 16.39 25.62 -3.81
CA PHE A 211 17.03 24.65 -4.63
C PHE A 211 16.08 23.69 -5.30
N ALA A 212 14.89 23.52 -4.77
CA ALA A 212 13.97 22.59 -5.43
C ALA A 212 13.43 23.23 -6.73
N SER A 213 13.36 24.55 -6.79
CA SER A 213 12.88 25.22 -7.99
C SER A 213 13.82 25.18 -9.20
N GLU A 214 15.13 25.35 -9.01
CA GLU A 214 16.03 25.71 -10.13
C GLU A 214 16.14 24.69 -11.27
N PRO B 3 -9.96 10.91 47.05
CA PRO B 3 -11.22 11.14 46.35
C PRO B 3 -12.25 10.09 46.66
N TRP B 4 -13.51 10.46 46.54
CA TRP B 4 -14.59 9.50 46.73
C TRP B 4 -15.83 10.14 46.18
N GLY B 5 -16.84 9.32 45.90
CA GLY B 5 -18.14 9.82 45.48
C GLY B 5 -18.09 10.62 44.19
N ASP B 6 -18.60 11.83 44.25
CA ASP B 6 -18.73 12.64 43.06
C ASP B 6 -17.41 12.96 42.41
N GLU B 7 -16.34 13.04 43.19
CA GLU B 7 -15.03 13.36 42.63
C GLU B 7 -14.59 12.27 41.67
N LEU B 8 -15.18 11.09 41.74
CA LEU B 8 -14.79 10.02 40.84
C LEU B 8 -15.59 9.88 39.58
N LEU B 9 -16.63 10.69 39.48
CA LEU B 9 -17.54 10.61 38.31
C LEU B 9 -17.21 11.59 37.22
N ASN B 10 -17.41 11.15 35.99
CA ASN B 10 -17.25 12.05 34.90
C ASN B 10 -15.93 12.81 34.96
N ILE B 11 -14.86 12.03 35.12
CA ILE B 11 -13.51 12.52 35.11
C ILE B 11 -12.64 11.70 34.15
N CYS B 12 -11.48 12.25 33.84
CA CYS B 12 -10.49 11.60 33.00
C CYS B 12 -9.23 11.40 33.79
N MET B 13 -8.64 10.21 33.71
CA MET B 13 -7.36 9.95 34.37
C MET B 13 -6.29 10.88 33.84
N ASN B 14 -5.36 11.21 34.72
CA ASN B 14 -4.23 12.05 34.35
C ASN B 14 -3.13 11.25 33.68
N ALA B 15 -3.38 10.80 32.46
CA ALA B 15 -2.36 10.15 31.65
C ALA B 15 -2.04 11.07 30.47
N LYS B 16 -1.01 10.74 29.70
CA LYS B 16 -0.44 11.73 28.78
C LYS B 16 -1.34 12.20 27.66
N HIS B 17 -2.27 11.37 27.19
CA HIS B 17 -3.13 11.77 26.07
C HIS B 17 -4.49 12.26 26.49
N HIS B 18 -4.88 11.97 27.73
CA HIS B 18 -6.25 12.23 28.12
C HIS B 18 -6.57 13.70 28.16
N LYS B 19 -7.82 14.01 27.84
CA LYS B 19 -8.34 15.34 28.03
C LYS B 19 -8.44 15.64 29.50
N ARG B 20 -8.40 16.91 29.83
CA ARG B 20 -8.36 17.35 31.22
C ARG B 20 -9.68 17.03 31.91
N VAL B 21 -10.77 17.22 31.19
CA VAL B 21 -12.08 16.77 31.63
C VAL B 21 -12.85 16.23 30.45
N PRO B 22 -13.87 15.39 30.71
CA PRO B 22 -14.55 14.92 29.52
C PRO B 22 -15.46 15.97 28.93
N SER B 23 -15.72 15.85 27.64
CA SER B 23 -16.66 16.72 26.97
C SER B 23 -17.12 16.08 25.67
N PRO B 24 -18.24 16.54 25.11
CA PRO B 24 -18.65 15.97 23.84
C PRO B 24 -17.60 16.19 22.73
N GLU B 25 -17.59 15.28 21.77
CA GLU B 25 -16.76 15.42 20.57
C GLU B 25 -17.62 15.27 19.34
N ASP B 26 -17.58 16.29 18.48
CA ASP B 26 -18.42 16.34 17.27
C ASP B 26 -18.11 15.15 16.39
N LYS B 27 -16.82 14.85 16.31
CA LYS B 27 -16.29 13.77 15.49
C LYS B 27 -15.28 12.92 16.28
N LEU B 28 -15.57 11.62 16.37
CA LEU B 28 -14.58 10.63 16.76
C LEU B 28 -14.56 9.54 15.73
N TYR B 29 -13.41 8.91 15.64
CA TYR B 29 -13.12 8.03 14.54
C TYR B 29 -13.54 6.59 14.82
N GLU B 30 -14.29 6.05 13.88
CA GLU B 30 -14.71 4.64 13.82
C GLU B 30 -15.05 3.96 15.14
N GLU B 31 -14.27 2.99 15.59
CA GLU B 31 -14.50 2.27 16.86
C GLU B 31 -14.67 3.14 18.14
N CYS B 32 -14.19 4.38 18.13
CA CYS B 32 -14.38 5.28 19.27
C CYS B 32 -15.70 6.05 19.25
N ILE B 33 -16.51 5.88 18.22
CA ILE B 33 -17.77 6.63 18.09
C ILE B 33 -18.71 6.53 19.31
N PRO B 34 -18.78 5.35 19.96
CA PRO B 34 -19.68 5.27 21.13
C PRO B 34 -19.49 6.32 22.23
N TRP B 35 -18.27 6.86 22.34
CA TRP B 35 -17.95 7.82 23.41
C TRP B 35 -18.15 9.29 23.05
N LYS B 36 -18.67 9.57 21.86
CA LYS B 36 -18.63 10.95 21.36
C LYS B 36 -19.56 11.92 22.13
N ASP B 37 -20.59 11.36 22.75
CA ASP B 37 -21.43 12.04 23.76
C ASP B 37 -20.65 12.82 24.80
N ASN B 38 -19.59 12.18 25.29
CA ASN B 38 -18.86 12.67 26.45
C ASN B 38 -17.57 11.88 26.58
N ALA B 39 -16.49 12.46 26.06
CA ALA B 39 -15.26 11.72 25.79
C ALA B 39 -14.05 12.33 26.49
N CYS B 40 -13.16 11.45 26.92
CA CYS B 40 -11.86 11.84 27.46
C CYS B 40 -10.78 11.81 26.38
N CYS B 41 -11.15 11.47 25.15
CA CYS B 41 -10.20 11.41 24.03
C CYS B 41 -10.55 12.46 22.98
N THR B 42 -9.52 13.01 22.36
CA THR B 42 -9.67 13.96 21.26
C THR B 42 -9.85 13.21 19.96
N LEU B 43 -10.24 13.93 18.92
CA LEU B 43 -10.37 13.35 17.59
C LEU B 43 -9.03 12.75 17.19
N THR B 44 -7.95 13.46 17.47
CA THR B 44 -6.62 12.97 17.13
C THR B 44 -6.31 11.64 17.77
N THR B 45 -6.56 11.53 19.06
CA THR B 45 -6.32 10.29 19.76
C THR B 45 -7.13 9.17 19.14
N SER B 46 -8.40 9.45 18.84
CA SER B 46 -9.26 8.42 18.30
C SER B 46 -8.72 7.86 16.97
N TRP B 47 -8.21 8.72 16.07
CA TRP B 47 -7.66 8.14 14.84
C TRP B 47 -6.30 7.48 15.06
N GLU B 48 -5.48 8.05 15.93
CA GLU B 48 -4.24 7.39 16.32
C GLU B 48 -4.44 5.98 16.90
N ALA B 49 -5.58 5.75 17.55
CA ALA B 49 -5.95 4.44 18.06
C ALA B 49 -6.12 3.40 16.96
N HIS B 50 -6.48 3.85 15.76
CA HIS B 50 -6.70 2.97 14.60
C HIS B 50 -5.51 2.72 13.69
N LEU B 51 -4.39 3.36 13.98
CA LEU B 51 -3.18 3.13 13.19
C LEU B 51 -2.63 1.71 13.38
N ASP B 52 -2.02 1.21 12.32
CA ASP B 52 -1.46 -0.15 12.32
C ASP B 52 -0.63 -0.43 13.56
N VAL B 53 0.19 0.55 13.94
CA VAL B 53 0.88 0.56 15.21
C VAL B 53 0.60 1.93 15.80
N SER B 54 -0.24 1.96 16.82
CA SER B 54 -0.66 3.23 17.40
C SER B 54 0.51 3.95 18.06
N PRO B 55 0.72 5.23 17.71
CA PRO B 55 1.79 5.99 18.35
C PRO B 55 1.47 6.37 19.79
N LEU B 56 0.23 6.09 20.22
CA LEU B 56 -0.19 6.30 21.59
C LEU B 56 0.67 5.50 22.54
N TYR B 57 1.06 4.28 22.16
CA TYR B 57 1.94 3.45 23.01
C TYR B 57 3.21 2.93 22.31
N ASN B 58 3.35 3.17 21.01
CA ASN B 58 4.40 2.55 20.19
C ASN B 58 4.53 1.02 20.39
N PHE B 59 3.39 0.35 20.62
CA PHE B 59 3.33 -1.10 20.82
C PHE B 59 2.65 -1.82 19.65
N SER B 60 3.39 -2.71 18.99
CA SER B 60 2.86 -3.39 17.83
C SER B 60 2.13 -4.67 18.20
N LEU B 61 0.87 -4.76 17.78
CA LEU B 61 0.10 -6.00 17.88
C LEU B 61 0.50 -7.06 16.85
N PHE B 62 1.26 -6.63 15.84
CA PHE B 62 1.69 -7.49 14.72
C PHE B 62 3.05 -8.14 14.95
N HIS B 63 3.54 -8.12 16.19
CA HIS B 63 4.79 -8.77 16.56
C HIS B 63 4.94 -10.22 16.12
N CYS B 64 3.85 -10.94 15.89
CA CYS B 64 3.92 -12.27 15.30
C CYS B 64 3.35 -12.36 13.88
N GLY B 65 3.05 -11.23 13.24
CA GLY B 65 2.62 -11.23 11.82
C GLY B 65 1.17 -11.62 11.60
N LEU B 66 0.75 -12.72 12.21
CA LEU B 66 -0.59 -13.26 12.02
C LEU B 66 -1.55 -12.72 13.08
N LEU B 67 -2.28 -11.67 12.73
CA LEU B 67 -3.28 -11.10 13.63
C LEU B 67 -4.53 -10.92 12.84
N MET B 68 -5.62 -11.57 13.25
CA MET B 68 -6.85 -11.53 12.49
C MET B 68 -7.55 -10.20 12.67
N PRO B 69 -8.19 -9.69 11.61
CA PRO B 69 -8.94 -8.45 11.75
C PRO B 69 -9.99 -8.46 12.88
N GLY B 70 -10.71 -9.57 13.04
CA GLY B 70 -11.67 -9.72 14.14
C GLY B 70 -11.07 -9.54 15.51
N CYS B 71 -9.83 -9.99 15.65
CA CYS B 71 -9.05 -9.85 16.87
C CYS B 71 -8.58 -8.41 17.06
N ARG B 72 -7.95 -7.84 16.03
CA ARG B 72 -7.43 -6.48 16.13
C ARG B 72 -8.55 -5.50 16.45
N LYS B 73 -9.73 -5.70 15.87
CA LYS B 73 -10.89 -4.86 16.19
C LYS B 73 -11.18 -4.73 17.69
N HIS B 74 -11.11 -5.84 18.42
CA HIS B 74 -11.27 -5.81 19.88
C HIS B 74 -10.20 -4.95 20.57
N PHE B 75 -8.95 -5.09 20.12
CA PHE B 75 -7.83 -4.33 20.68
C PHE B 75 -8.01 -2.84 20.43
N ILE B 76 -8.49 -2.46 19.26
CA ILE B 76 -8.76 -1.04 18.98
C ILE B 76 -9.87 -0.52 19.87
N GLN B 77 -10.93 -1.30 20.02
CA GLN B 77 -12.02 -0.92 20.91
C GLN B 77 -11.51 -0.72 22.36
N ALA B 78 -10.66 -1.63 22.82
CA ALA B 78 -10.03 -1.49 24.13
C ALA B 78 -9.26 -0.17 24.31
N ILE B 79 -8.55 0.25 23.26
CA ILE B 79 -7.86 1.52 23.32
C ILE B 79 -8.86 2.66 23.46
N CYS B 80 -9.90 2.66 22.62
CA CYS B 80 -10.93 3.70 22.69
C CYS B 80 -11.52 3.78 24.09
N PHE B 81 -11.86 2.63 24.64
CA PHE B 81 -12.40 2.55 26.00
C PHE B 81 -11.48 3.24 27.00
N TYR B 82 -10.22 2.83 26.98
CA TYR B 82 -9.20 3.35 27.89
C TYR B 82 -9.01 4.86 27.76
N GLU B 83 -8.86 5.31 26.51
CA GLU B 83 -8.56 6.72 26.24
C GLU B 83 -9.77 7.62 26.29
N CYS B 84 -10.95 7.06 26.04
CA CYS B 84 -12.18 7.86 25.89
C CYS B 84 -13.18 7.82 27.04
N SER B 85 -13.22 6.74 27.80
CA SER B 85 -14.26 6.60 28.80
C SER B 85 -14.14 7.69 29.87
N PRO B 86 -15.27 8.37 30.19
CA PRO B 86 -15.36 9.25 31.36
C PRO B 86 -15.83 8.49 32.61
N ASN B 87 -15.91 7.17 32.54
CA ASN B 87 -16.55 6.35 33.57
C ASN B 87 -15.59 5.42 34.31
N LEU B 88 -14.31 5.75 34.28
CA LEU B 88 -13.29 4.92 34.92
C LEU B 88 -12.83 5.42 36.28
N GLY B 89 -13.36 6.56 36.72
CA GLY B 89 -12.90 7.23 37.95
C GLY B 89 -12.74 6.35 39.17
N PRO B 90 -13.70 5.44 39.42
CA PRO B 90 -13.56 4.53 40.57
C PRO B 90 -12.42 3.55 40.52
N TRP B 91 -11.80 3.39 39.36
CA TRP B 91 -10.66 2.50 39.26
C TRP B 91 -9.35 3.22 38.95
N ILE B 92 -9.37 4.55 38.91
CA ILE B 92 -8.16 5.31 38.70
C ILE B 92 -7.41 5.13 39.95
N GLN B 93 -6.09 5.03 39.89
CA GLN B 93 -5.27 4.99 41.11
C GLN B 93 -3.96 5.74 40.98
N PRO B 94 -3.44 6.32 42.10
CA PRO B 94 -2.24 7.15 41.94
C PRO B 94 -0.96 6.40 41.53
N GLY B 108 1.77 10.83 36.57
CA GLY B 108 0.85 9.95 35.85
C GLY B 108 -0.22 9.30 36.74
N GLU B 109 -1.37 9.03 36.14
CA GLU B 109 -2.38 8.18 36.73
C GLU B 109 -2.68 7.08 35.72
N ARG B 110 -3.34 6.06 36.22
CA ARG B 110 -3.68 4.89 35.46
C ARG B 110 -4.91 4.27 36.10
N VAL B 111 -5.27 3.11 35.62
CA VAL B 111 -6.46 2.42 36.03
C VAL B 111 -6.07 1.01 36.44
N VAL B 112 -6.74 0.45 37.44
CA VAL B 112 -6.41 -0.90 37.92
C VAL B 112 -7.70 -1.70 38.11
N ASN B 113 -7.73 -2.88 37.50
CA ASN B 113 -8.80 -3.87 37.68
C ASN B 113 -10.21 -3.39 37.38
N VAL B 114 -10.34 -2.60 36.32
CA VAL B 114 -11.66 -2.23 35.81
C VAL B 114 -12.38 -3.53 35.46
N PRO B 115 -13.53 -3.79 36.07
CA PRO B 115 -14.22 -5.05 35.83
C PRO B 115 -14.94 -5.08 34.49
N LEU B 116 -14.45 -5.91 33.56
CA LEU B 116 -15.07 -6.07 32.26
C LEU B 116 -16.03 -7.24 32.31
N CYS B 117 -17.19 -7.03 31.72
CA CYS B 117 -18.22 -8.05 31.70
C CYS B 117 -17.74 -9.32 31.02
N GLN B 118 -18.34 -10.42 31.44
CA GLN B 118 -17.97 -11.72 30.94
C GLN B 118 -17.99 -11.82 29.40
N GLU B 119 -19.06 -11.31 28.78
CA GLU B 119 -19.20 -11.36 27.32
C GLU B 119 -18.08 -10.60 26.63
N ASP B 120 -17.64 -9.49 27.21
CA ASP B 120 -16.58 -8.70 26.60
C ASP B 120 -15.28 -9.49 26.53
N CYS B 121 -14.91 -10.15 27.62
CA CYS B 121 -13.70 -10.98 27.65
C CYS B 121 -13.83 -12.26 26.81
N GLU B 122 -15.01 -12.86 26.89
CA GLU B 122 -15.33 -14.08 26.15
C GLU B 122 -15.18 -13.88 24.65
N GLU B 123 -15.84 -12.85 24.13
CA GLU B 123 -15.88 -12.61 22.68
C GLU B 123 -14.50 -12.24 22.16
N TRP B 124 -13.79 -11.42 22.94
CA TRP B 124 -12.45 -10.97 22.59
C TRP B 124 -11.54 -12.17 22.48
N TRP B 125 -11.62 -13.05 23.47
CA TRP B 125 -10.85 -14.28 23.47
C TRP B 125 -11.18 -15.16 22.28
N GLU B 126 -12.49 -15.39 22.09
CA GLU B 126 -12.94 -16.26 20.99
C GLU B 126 -12.43 -15.76 19.65
N ASP B 127 -12.56 -14.45 19.42
CA ASP B 127 -12.14 -13.84 18.15
C ASP B 127 -10.63 -13.79 17.94
N CYS B 128 -9.85 -13.95 19.01
CA CYS B 128 -8.38 -13.95 18.93
C CYS B 128 -7.69 -15.32 18.98
N ARG B 129 -8.46 -16.40 19.13
CA ARG B 129 -7.90 -17.76 19.26
C ARG B 129 -6.97 -18.11 18.13
N MET B 130 -7.39 -17.75 16.92
CA MET B 130 -6.64 -18.08 15.71
C MET B 130 -5.48 -17.13 15.39
N SER B 131 -5.36 -16.01 16.10
CA SER B 131 -4.24 -15.09 15.92
C SER B 131 -3.03 -15.56 16.73
N TYR B 132 -1.87 -14.96 16.47
CA TYR B 132 -0.61 -15.43 17.08
C TYR B 132 0.08 -14.34 17.92
N THR B 133 0.66 -14.76 19.04
CA THR B 133 1.56 -13.90 19.87
C THR B 133 2.74 -14.77 20.34
N CYS B 134 3.71 -14.14 21.00
CA CYS B 134 4.89 -14.86 21.52
C CYS B 134 5.11 -14.76 23.01
N LYS B 135 4.22 -14.09 23.73
CA LYS B 135 4.37 -13.86 25.17
C LYS B 135 3.01 -13.90 25.81
N SER B 136 2.96 -14.38 27.06
CA SER B 136 1.70 -14.37 27.81
C SER B 136 1.65 -13.18 28.73
N ASN B 137 2.75 -12.46 28.91
CA ASN B 137 2.70 -11.21 29.64
C ASN B 137 3.35 -10.06 28.92
N TRP B 138 2.49 -9.20 28.40
CA TRP B 138 2.90 -8.14 27.47
C TRP B 138 3.47 -6.91 28.16
N ARG B 139 3.40 -6.87 29.49
CA ARG B 139 3.80 -5.67 30.25
C ARG B 139 5.29 -5.31 30.12
N GLY B 140 6.14 -6.31 29.93
CA GLY B 140 7.55 -6.06 29.70
C GLY B 140 8.25 -7.25 29.12
N GLY B 141 9.55 -7.09 28.91
CA GLY B 141 10.41 -8.19 28.43
C GLY B 141 10.38 -8.38 26.93
N TRP B 142 10.11 -7.30 26.22
CA TRP B 142 10.18 -7.29 24.77
C TRP B 142 11.55 -6.88 24.33
N ASP B 143 11.88 -7.26 23.12
CA ASP B 143 13.03 -6.75 22.44
C ASP B 143 12.60 -5.45 21.74
N TRP B 144 13.29 -4.35 22.02
CA TRP B 144 12.86 -3.01 21.62
C TRP B 144 13.81 -2.26 20.66
N SER B 145 14.37 -2.94 19.69
CA SER B 145 15.42 -2.35 18.85
C SER B 145 14.95 -1.34 17.76
N GLN B 146 13.75 -1.51 17.23
CA GLN B 146 13.25 -0.60 16.16
C GLN B 146 12.43 0.58 16.70
N GLY B 147 12.45 0.79 18.01
CA GLY B 147 11.42 1.62 18.67
C GLY B 147 10.03 0.97 18.65
N LYS B 148 9.98 -0.27 18.19
CA LYS B 148 8.80 -1.09 18.16
C LYS B 148 9.26 -2.40 18.72
N ASN B 149 8.38 -3.02 19.48
CA ASN B 149 8.67 -4.26 20.17
C ASN B 149 8.73 -5.41 19.21
N ARG B 150 9.66 -6.33 19.49
CA ARG B 150 9.77 -7.59 18.81
C ARG B 150 9.87 -8.71 19.79
N CYS B 151 9.55 -9.90 19.32
CA CYS B 151 9.64 -11.08 20.15
C CYS B 151 11.10 -11.28 20.55
N PRO B 152 11.37 -11.48 21.84
CA PRO B 152 12.74 -11.75 22.23
C PRO B 152 13.21 -13.15 21.79
N LYS B 153 14.51 -13.37 21.82
CA LYS B 153 15.05 -14.67 21.36
C LYS B 153 14.47 -15.77 22.17
N GLY B 154 14.10 -16.84 21.49
CA GLY B 154 13.48 -17.99 22.16
C GLY B 154 11.98 -17.94 22.37
N ALA B 155 11.36 -16.78 22.18
CA ALA B 155 9.91 -16.63 22.30
C ALA B 155 9.20 -17.06 21.03
N GLN B 156 8.64 -18.27 21.04
CA GLN B 156 7.97 -18.81 19.85
C GLN B 156 6.63 -18.16 19.59
N CYS B 157 6.34 -17.85 18.33
CA CYS B 157 5.00 -17.39 17.96
C CYS B 157 4.04 -18.55 17.93
N LEU B 158 3.02 -18.48 18.76
CA LEU B 158 2.02 -19.54 18.86
C LEU B 158 0.63 -18.92 18.97
N PRO B 159 -0.42 -19.74 18.87
CA PRO B 159 -1.75 -19.16 18.98
C PRO B 159 -1.97 -18.44 20.30
N PHE B 160 -2.76 -17.39 20.27
CA PHE B 160 -3.20 -16.69 21.47
C PHE B 160 -3.71 -17.68 22.50
N SER B 161 -4.54 -18.63 22.08
CA SER B 161 -5.08 -19.63 23.02
C SER B 161 -3.98 -20.41 23.76
N HIS B 162 -2.77 -20.47 23.23
CA HIS B 162 -1.64 -21.03 23.97
C HIS B 162 -1.13 -20.12 25.08
N TYR B 163 -0.85 -18.86 24.76
CA TYR B 163 -0.29 -17.92 25.74
C TYR B 163 -1.34 -17.32 26.67
N PHE B 164 -2.59 -17.33 26.22
CA PHE B 164 -3.75 -16.85 27.00
C PHE B 164 -4.76 -17.98 27.07
N PRO B 165 -4.54 -18.96 27.97
CA PRO B 165 -5.41 -20.13 28.00
C PRO B 165 -6.88 -19.80 28.19
N THR B 166 -7.18 -18.74 28.93
CA THR B 166 -8.56 -18.36 29.18
C THR B 166 -8.81 -16.89 28.86
N PRO B 167 -10.10 -16.53 28.66
CA PRO B 167 -10.48 -15.12 28.44
C PRO B 167 -9.93 -14.19 29.50
N ALA B 168 -10.02 -14.61 30.76
CA ALA B 168 -9.47 -13.85 31.85
C ALA B 168 -8.00 -13.54 31.67
N ASP B 169 -7.22 -14.52 31.22
CA ASP B 169 -5.79 -14.28 30.97
C ASP B 169 -5.58 -13.13 29.98
N LEU B 170 -6.37 -13.16 28.91
CA LEU B 170 -6.26 -12.20 27.84
C LEU B 170 -6.64 -10.80 28.28
N CYS B 171 -7.83 -10.68 28.87
CA CYS B 171 -8.33 -9.41 29.43
C CYS B 171 -7.35 -8.75 30.38
N GLU B 172 -6.76 -9.58 31.24
CA GLU B 172 -5.95 -9.07 32.32
C GLU B 172 -4.50 -8.77 31.93
N LYS B 173 -3.86 -9.66 31.16
CA LYS B 173 -2.40 -9.58 30.91
C LYS B 173 -1.90 -8.80 29.70
N THR B 174 -2.82 -8.44 28.81
CA THR B 174 -2.50 -7.63 27.65
C THR B 174 -2.43 -6.16 27.99
N TRP B 175 -3.17 -5.76 29.01
CA TRP B 175 -3.27 -4.36 29.39
C TRP B 175 -2.73 -4.09 30.80
N SER B 176 -1.84 -4.96 31.26
CA SER B 176 -1.09 -4.75 32.48
C SER B 176 -2.03 -4.46 33.68
N ASN B 177 -3.05 -5.31 33.79
CA ASN B 177 -4.04 -5.27 34.88
C ASN B 177 -4.89 -4.01 34.93
N SER B 178 -4.99 -3.28 33.82
CA SER B 178 -5.95 -2.21 33.70
C SER B 178 -7.35 -2.78 33.79
N PHE B 179 -7.52 -3.98 33.22
CA PHE B 179 -8.81 -4.66 33.24
C PHE B 179 -8.78 -5.92 34.08
N LYS B 180 -9.94 -6.24 34.64
CA LYS B 180 -10.19 -7.48 35.36
C LYS B 180 -11.33 -8.19 34.64
N ALA B 181 -11.21 -9.50 34.50
CA ALA B 181 -12.28 -10.31 33.92
C ALA B 181 -13.34 -10.58 34.97
N SER B 182 -14.43 -9.83 34.92
CA SER B 182 -15.48 -9.97 35.92
C SER B 182 -16.26 -11.27 35.70
N PRO B 183 -16.68 -11.93 36.78
CA PRO B 183 -17.63 -13.03 36.63
C PRO B 183 -19.07 -12.56 36.34
N GLU B 184 -19.34 -11.26 36.55
CA GLU B 184 -20.66 -10.65 36.25
C GLU B 184 -20.83 -10.50 34.73
N ARG B 185 -22.08 -10.55 34.28
CA ARG B 185 -22.42 -10.45 32.85
C ARG B 185 -22.99 -9.08 32.51
N ARG B 186 -23.13 -8.83 31.22
CA ARG B 186 -23.60 -7.55 30.73
C ARG B 186 -24.98 -7.32 31.27
N ASN B 187 -25.28 -6.05 31.50
CA ASN B 187 -26.56 -5.61 32.12
C ASN B 187 -26.80 -6.07 33.57
N SER B 188 -25.77 -6.61 34.22
CA SER B 188 -25.83 -6.90 35.65
C SER B 188 -25.76 -5.62 36.48
N GLY B 189 -25.30 -4.52 35.90
CA GLY B 189 -25.00 -3.29 36.67
C GLY B 189 -23.69 -3.34 37.46
N ARG B 190 -22.97 -4.48 37.41
CA ARG B 190 -21.75 -4.71 38.18
C ARG B 190 -20.47 -4.85 37.33
N CYS B 191 -20.55 -4.60 36.03
CA CYS B 191 -19.36 -4.68 35.19
C CYS B 191 -19.49 -3.70 34.03
N LEU B 192 -18.34 -3.31 33.47
CA LEU B 192 -18.32 -2.39 32.33
C LEU B 192 -18.15 -3.16 31.02
N GLN B 193 -18.69 -2.59 29.95
CA GLN B 193 -18.39 -3.04 28.60
C GLN B 193 -17.28 -2.20 28.02
N LYS B 194 -16.36 -2.83 27.29
CA LYS B 194 -15.31 -2.08 26.59
C LYS B 194 -15.80 -1.48 25.29
N TRP B 195 -16.97 -1.89 24.84
CA TRP B 195 -17.61 -1.29 23.65
C TRP B 195 -19.12 -1.49 23.76
N PHE B 196 -19.87 -0.57 23.17
CA PHE B 196 -21.31 -0.68 23.16
C PHE B 196 -21.83 0.00 21.91
N GLU B 197 -23.02 -0.42 21.51
CA GLU B 197 -23.66 0.13 20.34
C GLU B 197 -24.11 1.57 20.67
N PRO B 198 -23.65 2.58 19.89
CA PRO B 198 -23.95 3.98 20.16
C PRO B 198 -25.44 4.27 20.36
N ALA B 199 -26.29 3.68 19.53
CA ALA B 199 -27.73 3.86 19.63
C ALA B 199 -28.33 3.53 21.01
N GLN B 200 -27.71 2.60 21.76
CA GLN B 200 -28.29 2.09 23.03
C GLN B 200 -27.87 2.86 24.26
N GLY B 201 -27.00 3.86 24.12
CA GLY B 201 -26.59 4.67 25.25
C GLY B 201 -25.53 3.97 26.07
N ASN B 202 -24.76 4.75 26.81
CA ASN B 202 -23.62 4.23 27.55
C ASN B 202 -24.04 3.47 28.80
N PRO B 203 -23.87 2.13 28.81
CA PRO B 203 -24.31 1.36 29.98
C PRO B 203 -23.33 1.42 31.16
N ASN B 204 -22.17 2.01 30.97
CA ASN B 204 -21.14 2.08 32.00
C ASN B 204 -21.32 3.24 32.95
N VAL B 205 -22.16 4.21 32.61
CA VAL B 205 -22.40 5.35 33.50
C VAL B 205 -22.96 4.88 34.86
N ALA B 206 -23.97 4.03 34.77
CA ALA B 206 -24.62 3.44 35.95
C ALA B 206 -23.67 2.65 36.85
N VAL B 207 -22.70 2.00 36.22
CA VAL B 207 -21.80 1.10 36.91
C VAL B 207 -20.79 1.92 37.70
N ALA B 208 -20.21 2.94 37.06
CA ALA B 208 -19.31 3.87 37.77
C ALA B 208 -20.01 4.51 38.96
N ARG B 209 -21.24 4.98 38.72
CA ARG B 209 -22.05 5.60 39.78
C ARG B 209 -22.21 4.68 40.97
N LEU B 210 -22.52 3.42 40.68
CA LEU B 210 -22.69 2.43 41.73
C LEU B 210 -21.43 2.25 42.56
N PHE B 211 -20.30 2.06 41.88
CA PHE B 211 -19.00 1.86 42.59
C PHE B 211 -18.33 3.07 43.27
N ALA B 212 -18.74 4.28 42.91
CA ALA B 212 -18.26 5.48 43.60
C ALA B 212 -18.89 5.64 44.99
N SER B 213 -19.90 4.85 45.26
CA SER B 213 -20.62 4.87 46.50
C SER B 213 -20.36 3.71 47.47
N GLU B 214 -19.93 2.59 46.95
CA GLU B 214 -19.80 1.41 47.78
C GLU B 214 -20.92 0.46 47.37
N GLY C 5 -14.05 -25.32 -23.16
CA GLY C 5 -15.33 -25.96 -22.73
C GLY C 5 -15.25 -26.52 -21.33
N ASP C 6 -15.55 -27.81 -21.21
CA ASP C 6 -15.44 -28.52 -19.92
C ASP C 6 -14.02 -28.51 -19.36
N GLU C 7 -13.02 -28.35 -20.23
CA GLU C 7 -11.61 -28.20 -19.83
C GLU C 7 -11.34 -26.96 -18.98
N LEU C 8 -12.24 -25.98 -19.01
CA LEU C 8 -12.09 -24.77 -18.20
C LEU C 8 -12.70 -24.89 -16.81
N LEU C 9 -13.44 -25.95 -16.54
CA LEU C 9 -14.06 -26.14 -15.24
C LEU C 9 -13.14 -26.90 -14.32
N ASN C 10 -13.15 -26.53 -13.05
CA ASN C 10 -12.42 -27.26 -12.04
C ASN C 10 -10.92 -27.40 -12.30
N ILE C 11 -10.32 -26.25 -12.60
CA ILE C 11 -8.89 -26.13 -12.83
C ILE C 11 -8.32 -24.98 -12.00
N CYS C 12 -6.99 -24.99 -11.90
CA CYS C 12 -6.24 -23.95 -11.22
C CYS C 12 -5.32 -23.28 -12.20
N MET C 13 -5.27 -21.95 -12.19
CA MET C 13 -4.36 -21.22 -13.05
C MET C 13 -2.93 -21.61 -12.74
N ASN C 14 -2.11 -21.56 -13.77
CA ASN C 14 -0.70 -21.82 -13.62
C ASN C 14 0.06 -20.58 -13.13
N ALA C 15 -0.16 -20.22 -11.88
CA ALA C 15 0.64 -19.18 -11.22
C ALA C 15 1.51 -19.82 -10.13
N LYS C 16 2.40 -19.05 -9.53
CA LYS C 16 3.48 -19.67 -8.75
C LYS C 16 3.05 -20.42 -7.49
N HIS C 17 1.95 -20.02 -6.86
CA HIS C 17 1.53 -20.71 -5.62
C HIS C 17 0.45 -21.73 -5.83
N HIS C 18 -0.21 -21.69 -6.97
CA HIS C 18 -1.39 -22.54 -7.16
C HIS C 18 -1.07 -24.01 -7.20
N LYS C 19 -2.00 -24.80 -6.68
CA LYS C 19 -1.94 -26.24 -6.80
C LYS C 19 -2.15 -26.59 -8.24
N ARG C 20 -1.61 -27.74 -8.62
CA ARG C 20 -1.62 -28.16 -10.00
C ARG C 20 -3.04 -28.47 -10.45
N VAL C 21 -3.82 -29.08 -9.56
CA VAL C 21 -5.25 -29.24 -9.78
C VAL C 21 -6.00 -29.02 -8.46
N PRO C 22 -7.30 -28.69 -8.53
CA PRO C 22 -7.93 -28.49 -7.24
C PRO C 22 -8.19 -29.81 -6.54
N SER C 23 -8.24 -29.77 -5.22
CA SER C 23 -8.62 -30.94 -4.43
C SER C 23 -9.05 -30.50 -3.05
N PRO C 24 -9.74 -31.39 -2.30
CA PRO C 24 -10.17 -30.99 -0.98
C PRO C 24 -8.99 -30.71 -0.06
N GLU C 25 -9.21 -29.83 0.91
CA GLU C 25 -8.21 -29.53 1.94
C GLU C 25 -8.86 -29.71 3.28
N ASP C 26 -8.26 -30.58 4.09
CA ASP C 26 -8.78 -30.92 5.42
C ASP C 26 -8.85 -29.66 6.28
N LYS C 27 -7.82 -28.84 6.16
CA LYS C 27 -7.67 -27.61 6.90
C LYS C 27 -7.25 -26.46 5.98
N LEU C 28 -8.07 -25.41 5.97
CA LEU C 28 -7.66 -24.12 5.45
C LEU C 28 -7.94 -23.06 6.50
N TYR C 29 -7.16 -22.00 6.42
CA TYR C 29 -7.09 -21.04 7.47
C TYR C 29 -8.13 -19.94 7.30
N GLU C 30 -8.89 -19.72 8.37
CA GLU C 30 -9.83 -18.61 8.55
C GLU C 30 -10.63 -18.21 7.31
N GLU C 31 -10.40 -17.01 6.78
CA GLU C 31 -11.11 -16.51 5.59
C GLU C 31 -11.11 -17.40 4.34
N CYS C 32 -10.16 -18.33 4.23
CA CYS C 32 -10.12 -19.29 3.10
C CYS C 32 -10.98 -20.54 3.30
N ILE C 33 -11.62 -20.68 4.47
CA ILE C 33 -12.41 -21.87 4.78
C ILE C 33 -13.49 -22.22 3.72
N PRO C 34 -14.15 -21.21 3.13
CA PRO C 34 -15.19 -21.55 2.14
C PRO C 34 -14.75 -22.47 0.99
N TRP C 35 -13.46 -22.46 0.65
CA TRP C 35 -12.93 -23.24 -0.47
C TRP C 35 -12.44 -24.64 -0.13
N LYS C 36 -12.57 -25.05 1.13
CA LYS C 36 -11.88 -26.26 1.56
C LYS C 36 -12.44 -27.56 0.94
N ASP C 37 -13.70 -27.53 0.52
CA ASP C 37 -14.33 -28.55 -0.35
C ASP C 37 -13.48 -28.96 -1.54
N ASN C 38 -12.88 -27.96 -2.17
CA ASN C 38 -12.21 -28.15 -3.45
C ASN C 38 -11.41 -26.88 -3.74
N ALA C 39 -10.12 -26.94 -3.42
CA ALA C 39 -9.28 -25.75 -3.36
C ALA C 39 -8.07 -25.83 -4.27
N CYS C 40 -7.70 -24.66 -4.80
CA CYS C 40 -6.47 -24.49 -5.55
C CYS C 40 -5.33 -23.97 -4.67
N CYS C 41 -5.60 -23.76 -3.39
CA CYS C 41 -4.60 -23.27 -2.45
C CYS C 41 -4.30 -24.34 -1.41
N THR C 42 -3.04 -24.38 -0.98
CA THR C 42 -2.61 -25.25 0.11
C THR C 42 -2.87 -24.58 1.45
N LEU C 43 -2.76 -25.37 2.52
CA LEU C 43 -2.90 -24.84 3.88
C LEU C 43 -1.88 -23.71 4.08
N THR C 44 -0.66 -23.93 3.61
CA THR C 44 0.37 -22.90 3.73
C THR C 44 -0.02 -21.58 3.08
N THR C 45 -0.49 -21.66 1.85
CA THR C 45 -0.90 -20.45 1.15
C THR C 45 -2.00 -19.76 1.94
N SER C 46 -2.96 -20.53 2.43
CA SER C 46 -4.08 -19.93 3.14
C SER C 46 -3.61 -19.14 4.37
N TRP C 47 -2.67 -19.66 5.15
CA TRP C 47 -2.23 -18.86 6.30
C TRP C 47 -1.32 -17.70 5.87
N GLU C 48 -0.49 -17.91 4.86
CA GLU C 48 0.28 -16.79 4.29
C GLU C 48 -0.58 -15.62 3.79
N ALA C 49 -1.79 -15.93 3.34
CA ALA C 49 -2.75 -14.90 2.95
C ALA C 49 -3.17 -13.98 4.11
N HIS C 50 -3.11 -14.50 5.33
CA HIS C 50 -3.50 -13.76 6.54
C HIS C 50 -2.39 -12.99 7.25
N LEU C 51 -1.16 -13.12 6.77
CA LEU C 51 -0.05 -12.38 7.36
C LEU C 51 -0.21 -10.88 7.15
N ASP C 52 0.28 -10.13 8.12
CA ASP C 52 0.22 -8.67 8.09
C ASP C 52 0.64 -8.10 6.73
N VAL C 53 1.73 -8.65 6.19
CA VAL C 53 2.15 -8.40 4.82
C VAL C 53 2.38 -9.78 4.22
N SER C 54 1.50 -10.20 3.33
CA SER C 54 1.57 -11.54 2.79
C SER C 54 2.82 -11.71 1.94
N PRO C 55 3.63 -12.76 2.22
CA PRO C 55 4.78 -13.07 1.37
C PRO C 55 4.41 -13.62 -0.02
N LEU C 56 3.11 -13.91 -0.23
CA LEU C 56 2.61 -14.32 -1.53
C LEU C 56 2.89 -13.27 -2.58
N TYR C 57 2.77 -11.99 -2.21
CA TYR C 57 3.07 -10.89 -3.15
C TYR C 57 4.08 -9.85 -2.64
N ASN C 58 4.51 -9.95 -1.40
CA ASN C 58 5.31 -8.90 -0.74
C ASN C 58 4.75 -7.47 -0.89
N PHE C 59 3.42 -7.37 -0.91
CA PHE C 59 2.73 -6.09 -1.06
C PHE C 59 2.03 -5.68 0.25
N SER C 60 2.40 -4.53 0.81
CA SER C 60 1.81 -4.09 2.07
C SER C 60 0.56 -3.24 1.88
N LEU C 61 -0.53 -3.69 2.50
CA LEU C 61 -1.76 -2.90 2.55
C LEU C 61 -1.69 -1.74 3.55
N PHE C 62 -0.67 -1.78 4.42
CA PHE C 62 -0.48 -0.77 5.46
C PHE C 62 0.44 0.38 5.05
N HIS C 63 0.70 0.51 3.76
CA HIS C 63 1.47 1.63 3.21
C HIS C 63 1.05 3.03 3.67
N CYS C 64 -0.21 3.23 4.10
CA CYS C 64 -0.61 4.50 4.73
C CYS C 64 -0.95 4.40 6.22
N GLY C 65 -0.63 3.27 6.86
CA GLY C 65 -0.78 3.14 8.32
C GLY C 65 -2.20 2.91 8.82
N LEU C 66 -3.15 3.69 8.32
CA LEU C 66 -4.56 3.61 8.72
C LEU C 66 -5.36 2.67 7.81
N LEU C 67 -5.51 1.43 8.24
CA LEU C 67 -6.29 0.46 7.47
C LEU C 67 -7.21 -0.21 8.44
N MET C 68 -8.51 -0.10 8.22
CA MET C 68 -9.49 -0.61 9.17
C MET C 68 -9.59 -2.12 9.06
N PRO C 69 -9.83 -2.80 10.19
CA PRO C 69 -9.95 -4.27 10.13
C PRO C 69 -11.06 -4.78 9.18
N GLY C 70 -12.20 -4.09 9.16
CA GLY C 70 -13.28 -4.38 8.23
C GLY C 70 -12.86 -4.34 6.76
N CYS C 71 -11.96 -3.40 6.45
CA CYS C 71 -11.39 -3.25 5.12
C CYS C 71 -10.39 -4.36 4.81
N ARG C 72 -9.44 -4.57 5.71
CA ARG C 72 -8.42 -5.58 5.49
C ARG C 72 -9.05 -6.95 5.30
N LYS C 73 -10.08 -7.24 6.07
CA LYS C 73 -10.79 -8.51 5.90
C LYS C 73 -11.20 -8.81 4.46
N HIS C 74 -11.72 -7.80 3.78
CA HIS C 74 -12.09 -7.95 2.36
C HIS C 74 -10.89 -8.30 1.50
N PHE C 75 -9.78 -7.62 1.74
CA PHE C 75 -8.54 -7.86 0.97
C PHE C 75 -8.00 -9.27 1.18
N ILE C 76 -8.10 -9.78 2.40
CA ILE C 76 -7.71 -11.17 2.67
C ILE C 76 -8.63 -12.14 1.93
N GLN C 77 -9.92 -11.88 1.98
CA GLN C 77 -10.89 -12.72 1.28
C GLN C 77 -10.57 -12.76 -0.22
N ALA C 78 -10.26 -11.60 -0.78
CA ALA C 78 -9.86 -11.52 -2.18
C ALA C 78 -8.65 -12.40 -2.52
N ILE C 79 -7.68 -12.45 -1.62
CA ILE C 79 -6.52 -13.31 -1.84
C ILE C 79 -6.97 -14.76 -1.84
N CYS C 80 -7.76 -15.16 -0.86
CA CYS C 80 -8.27 -16.54 -0.78
C CYS C 80 -8.97 -16.91 -2.08
N PHE C 81 -9.85 -16.04 -2.53
CA PHE C 81 -10.59 -16.25 -3.78
C PHE C 81 -9.64 -16.52 -4.93
N TYR C 82 -8.69 -15.62 -5.11
CA TYR C 82 -7.68 -15.68 -6.18
C TYR C 82 -6.85 -16.97 -6.12
N GLU C 83 -6.34 -17.27 -4.94
CA GLU C 83 -5.44 -18.42 -4.74
C GLU C 83 -6.16 -19.76 -4.61
N CYS C 84 -7.41 -19.73 -4.16
CA CYS C 84 -8.16 -20.96 -3.84
C CYS C 84 -9.25 -21.38 -4.81
N SER C 85 -9.87 -20.45 -5.53
CA SER C 85 -11.03 -20.81 -6.34
C SER C 85 -10.64 -21.79 -7.45
N PRO C 86 -11.41 -22.90 -7.59
CA PRO C 86 -11.32 -23.77 -8.75
C PRO C 86 -12.25 -23.33 -9.89
N ASN C 87 -12.85 -22.16 -9.78
CA ASN C 87 -13.92 -21.73 -10.68
C ASN C 87 -13.58 -20.52 -11.54
N LEU C 88 -12.29 -20.28 -11.73
CA LEU C 88 -11.82 -19.12 -12.48
C LEU C 88 -11.42 -19.45 -13.91
N GLY C 89 -11.49 -20.71 -14.29
CA GLY C 89 -11.01 -21.18 -15.61
C GLY C 89 -11.43 -20.36 -16.81
N PRO C 90 -12.71 -19.98 -16.90
CA PRO C 90 -13.14 -19.15 -18.02
C PRO C 90 -12.49 -17.76 -18.12
N TRP C 91 -11.86 -17.27 -17.07
CA TRP C 91 -11.20 -15.97 -17.13
C TRP C 91 -9.69 -16.09 -17.07
N ILE C 92 -9.17 -17.32 -17.10
CA ILE C 92 -7.71 -17.54 -17.13
C ILE C 92 -7.22 -17.17 -18.53
N GLN C 93 -6.10 -16.45 -18.56
CA GLN C 93 -5.45 -16.05 -19.80
C GLN C 93 -3.91 -16.06 -19.57
N PRO C 94 -3.12 -16.21 -20.65
CA PRO C 94 -1.64 -16.26 -20.46
C PRO C 94 -0.83 -15.12 -19.76
N GLY C 108 3.72 -18.78 -16.85
CA GLY C 108 2.76 -18.09 -15.99
C GLY C 108 1.39 -17.90 -16.63
N GLU C 109 0.35 -18.03 -15.81
CA GLU C 109 -1.02 -17.65 -16.17
C GLU C 109 -1.56 -16.71 -15.12
N ARG C 110 -2.65 -16.06 -15.49
CA ARG C 110 -3.32 -15.12 -14.61
C ARG C 110 -4.78 -15.10 -15.01
N VAL C 111 -5.51 -14.17 -14.43
CA VAL C 111 -6.92 -14.06 -14.63
C VAL C 111 -7.21 -12.61 -15.06
N VAL C 112 -8.20 -12.41 -15.93
CA VAL C 112 -8.56 -11.08 -16.40
C VAL C 112 -10.07 -10.91 -16.34
N ASN C 113 -10.49 -9.83 -15.69
CA ASN C 113 -11.89 -9.38 -15.67
C ASN C 113 -12.90 -10.39 -15.17
N VAL C 114 -12.51 -11.12 -14.12
CA VAL C 114 -13.47 -11.97 -13.42
C VAL C 114 -14.59 -11.08 -12.91
N PRO C 115 -15.84 -11.35 -13.32
CA PRO C 115 -16.94 -10.47 -12.93
C PRO C 115 -17.41 -10.69 -11.50
N LEU C 116 -17.16 -9.69 -10.64
CA LEU C 116 -17.57 -9.75 -9.25
C LEU C 116 -18.90 -9.10 -9.11
N CYS C 117 -19.77 -9.74 -8.33
CA CYS C 117 -21.12 -9.25 -8.14
C CYS C 117 -21.12 -7.88 -7.50
N GLN C 118 -22.17 -7.14 -7.78
CA GLN C 118 -22.30 -5.78 -7.31
C GLN C 118 -22.14 -5.65 -5.80
N GLU C 119 -22.79 -6.54 -5.04
CA GLU C 119 -22.70 -6.51 -3.57
C GLU C 119 -21.27 -6.72 -3.08
N ASP C 120 -20.51 -7.56 -3.76
CA ASP C 120 -19.12 -7.79 -3.36
C ASP C 120 -18.28 -6.55 -3.47
N CYS C 121 -18.41 -5.82 -4.57
CA CYS C 121 -17.69 -4.57 -4.76
C CYS C 121 -18.20 -3.45 -3.87
N GLU C 122 -19.52 -3.40 -3.74
CA GLU C 122 -20.21 -2.41 -2.91
C GLU C 122 -19.77 -2.46 -1.45
N GLU C 123 -19.85 -3.66 -0.88
CA GLU C 123 -19.54 -3.85 0.53
C GLU C 123 -18.07 -3.60 0.83
N TRP C 124 -17.22 -4.06 -0.08
CA TRP C 124 -15.77 -3.88 0.03
C TRP C 124 -15.44 -2.40 0.03
N TRP C 125 -16.06 -1.67 -0.90
CA TRP C 125 -15.89 -0.21 -0.98
C TRP C 125 -16.38 0.48 0.29
N GLU C 126 -17.61 0.15 0.70
CA GLU C 126 -18.20 0.76 1.88
C GLU C 126 -17.32 0.57 3.10
N ASP C 127 -16.86 -0.66 3.30
CA ASP C 127 -16.03 -0.99 4.47
C ASP C 127 -14.62 -0.41 4.44
N CYS C 128 -14.16 0.05 3.26
CA CYS C 128 -12.82 0.67 3.11
C CYS C 128 -12.81 2.20 3.00
N ARG C 129 -13.97 2.85 3.01
CA ARG C 129 -14.08 4.31 2.85
C ARG C 129 -13.22 5.07 3.84
N MET C 130 -13.26 4.61 5.08
CA MET C 130 -12.56 5.27 6.17
C MET C 130 -11.06 4.91 6.28
N SER C 131 -10.59 3.92 5.53
CA SER C 131 -9.17 3.58 5.49
C SER C 131 -8.41 4.48 4.52
N TYR C 132 -7.09 4.44 4.55
CA TYR C 132 -6.24 5.38 3.79
C TYR C 132 -5.30 4.65 2.81
N THR C 133 -5.12 5.24 1.63
CA THR C 133 -4.10 4.81 0.66
C THR C 133 -3.49 6.07 0.03
N CYS C 134 -2.46 5.89 -0.79
CA CYS C 134 -1.79 7.02 -1.47
C CYS C 134 -1.78 6.97 -3.00
N LYS C 135 -2.41 5.96 -3.58
CA LYS C 135 -2.41 5.78 -5.02
C LYS C 135 -3.74 5.22 -5.44
N SER C 136 -4.20 5.60 -6.63
CA SER C 136 -5.43 5.02 -7.18
C SER C 136 -5.13 3.87 -8.11
N ASN C 137 -3.87 3.68 -8.49
CA ASN C 137 -3.51 2.52 -9.28
C ASN C 137 -2.32 1.78 -8.70
N TRP C 138 -2.64 0.65 -8.09
CA TRP C 138 -1.68 -0.11 -7.30
C TRP C 138 -0.75 -1.01 -8.12
N ARG C 139 -1.01 -1.11 -9.42
CA ARG C 139 -0.27 -2.05 -10.28
C ARG C 139 1.23 -1.74 -10.39
N GLY C 140 1.58 -0.47 -10.28
CA GLY C 140 2.98 -0.08 -10.31
C GLY C 140 3.19 1.33 -9.79
N GLY C 141 4.45 1.75 -9.80
CA GLY C 141 4.82 3.11 -9.44
C GLY C 141 4.98 3.30 -7.96
N TRP C 142 5.32 2.23 -7.27
CA TRP C 142 5.60 2.28 -5.84
C TRP C 142 7.06 2.49 -5.64
N ASP C 143 7.38 3.02 -4.47
CA ASP C 143 8.73 3.06 -4.01
C ASP C 143 9.01 1.74 -3.30
N TRP C 144 10.06 1.04 -3.72
CA TRP C 144 10.29 -0.36 -3.33
C TRP C 144 11.60 -0.61 -2.57
N SER C 145 11.96 0.28 -1.65
CA SER C 145 13.28 0.20 -1.01
C SER C 145 13.46 -0.87 0.10
N GLN C 146 12.39 -1.20 0.84
CA GLN C 146 12.51 -2.19 1.94
C GLN C 146 12.19 -3.62 1.49
N GLY C 147 12.08 -3.85 0.18
CA GLY C 147 11.42 -5.06 -0.34
C GLY C 147 9.91 -5.06 -0.09
N LYS C 148 9.42 -3.93 0.43
CA LYS C 148 8.03 -3.69 0.67
C LYS C 148 7.79 -2.33 0.09
N ASN C 149 6.62 -2.17 -0.49
CA ASN C 149 6.24 -0.95 -1.17
C ASN C 149 5.96 0.15 -0.19
N ARG C 150 6.35 1.36 -0.58
CA ARG C 150 6.03 2.58 0.13
C ARG C 150 5.49 3.60 -0.82
N CYS C 151 4.78 4.56 -0.26
CA CYS C 151 4.25 5.65 -1.04
C CYS C 151 5.41 6.43 -1.64
N PRO C 152 5.36 6.69 -2.96
CA PRO C 152 6.42 7.48 -3.55
C PRO C 152 6.31 8.95 -3.15
N LYS C 153 7.38 9.70 -3.38
CA LYS C 153 7.45 11.10 -2.96
C LYS C 153 6.32 11.88 -3.63
N GLY C 154 5.61 12.68 -2.84
CA GLY C 154 4.46 13.46 -3.35
C GLY C 154 3.10 12.77 -3.33
N ALA C 155 3.06 11.46 -3.09
CA ALA C 155 1.81 10.71 -2.99
C ALA C 155 1.19 10.85 -1.59
N GLN C 156 0.19 11.71 -1.46
CA GLN C 156 -0.45 11.96 -0.18
C GLN C 156 -1.34 10.81 0.27
N CYS C 157 -1.26 10.46 1.55
CA CYS C 157 -2.18 9.49 2.11
C CYS C 157 -3.53 10.14 2.34
N LEU C 158 -4.56 9.61 1.69
CA LEU C 158 -5.91 10.15 1.78
C LEU C 158 -6.90 9.00 1.87
N PRO C 159 -8.16 9.29 2.18
CA PRO C 159 -9.13 8.19 2.24
C PRO C 159 -9.24 7.40 0.94
N PHE C 160 -9.49 6.11 1.06
CA PHE C 160 -9.79 5.26 -0.09
C PHE C 160 -10.81 5.91 -0.99
N SER C 161 -11.89 6.42 -0.42
CA SER C 161 -12.95 7.08 -1.21
C SER C 161 -12.41 8.23 -2.09
N HIS C 162 -11.27 8.84 -1.74
CA HIS C 162 -10.62 9.81 -2.63
C HIS C 162 -9.95 9.14 -3.82
N TYR C 163 -9.12 8.14 -3.59
CA TYR C 163 -8.38 7.47 -4.68
C TYR C 163 -9.22 6.44 -5.47
N PHE C 164 -10.26 5.91 -4.83
CA PHE C 164 -11.21 4.98 -5.45
C PHE C 164 -12.60 5.57 -5.31
N PRO C 165 -12.95 6.52 -6.20
CA PRO C 165 -14.24 7.21 -6.05
C PRO C 165 -15.44 6.28 -6.03
N THR C 166 -15.37 5.16 -6.75
CA THR C 166 -16.47 4.21 -6.80
C THR C 166 -16.04 2.79 -6.49
N PRO C 167 -16.99 1.92 -6.13
CA PRO C 167 -16.69 0.50 -5.91
C PRO C 167 -15.99 -0.16 -7.06
N ALA C 168 -16.44 0.14 -8.27
CA ALA C 168 -15.79 -0.36 -9.47
C ALA C 168 -14.30 -0.01 -9.51
N ASP C 169 -13.94 1.23 -9.16
CA ASP C 169 -12.53 1.65 -9.15
C ASP C 169 -11.71 0.72 -8.25
N LEU C 170 -12.26 0.46 -7.08
CA LEU C 170 -11.59 -0.34 -6.07
C LEU C 170 -11.41 -1.79 -6.50
N CYS C 171 -12.52 -2.42 -6.90
CA CYS C 171 -12.50 -3.81 -7.42
C CYS C 171 -11.50 -4.01 -8.52
N GLU C 172 -11.46 -3.06 -9.44
CA GLU C 172 -10.70 -3.21 -10.65
C GLU C 172 -9.22 -2.86 -10.50
N LYS C 173 -8.91 -1.76 -9.80
CA LYS C 173 -7.54 -1.20 -9.81
C LYS C 173 -6.58 -1.65 -8.73
N THR C 174 -7.10 -2.33 -7.71
CA THR C 174 -6.28 -2.90 -6.64
C THR C 174 -5.64 -4.21 -7.04
N TRP C 175 -6.27 -4.91 -7.96
CA TRP C 175 -5.82 -6.23 -8.37
C TRP C 175 -5.45 -6.30 -9.85
N SER C 176 -5.11 -5.15 -10.42
CA SER C 176 -4.57 -5.06 -11.77
C SER C 176 -5.48 -5.75 -12.81
N ASN C 177 -6.77 -5.44 -12.73
CA ASN C 177 -7.82 -5.96 -13.64
C ASN C 177 -8.05 -7.47 -13.58
N SER C 178 -7.64 -8.12 -12.49
CA SER C 178 -8.03 -9.51 -12.26
C SER C 178 -9.54 -9.58 -12.11
N PHE C 179 -10.11 -8.53 -11.51
CA PHE C 179 -11.54 -8.47 -11.29
C PHE C 179 -12.17 -7.36 -12.10
N LYS C 180 -13.43 -7.57 -12.46
CA LYS C 180 -14.28 -6.56 -13.08
C LYS C 180 -15.49 -6.37 -12.18
N ALA C 181 -15.92 -5.13 -12.02
CA ALA C 181 -17.11 -4.83 -11.23
C ALA C 181 -18.33 -5.05 -12.07
N SER C 182 -18.99 -6.17 -11.86
CA SER C 182 -20.13 -6.52 -12.68
C SER C 182 -21.31 -5.63 -12.31
N PRO C 183 -22.12 -5.25 -13.30
CA PRO C 183 -23.41 -4.66 -12.97
C PRO C 183 -24.46 -5.68 -12.47
N GLU C 184 -24.21 -6.98 -12.66
CA GLU C 184 -25.08 -8.06 -12.17
C GLU C 184 -24.93 -8.22 -10.65
N ARG C 185 -26.01 -8.69 -10.02
CA ARG C 185 -26.05 -8.85 -8.56
C ARG C 185 -25.94 -10.32 -8.18
N ARG C 186 -25.75 -10.55 -6.89
CA ARG C 186 -25.60 -11.89 -6.36
C ARG C 186 -26.83 -12.69 -6.69
N ASN C 187 -26.62 -13.99 -6.90
CA ASN C 187 -27.69 -14.92 -7.33
C ASN C 187 -28.32 -14.65 -8.71
N SER C 188 -27.71 -13.76 -9.50
CA SER C 188 -28.09 -13.58 -10.90
C SER C 188 -27.59 -14.73 -11.78
N GLY C 189 -26.62 -15.51 -11.29
CA GLY C 189 -25.98 -16.56 -12.11
C GLY C 189 -24.97 -16.01 -13.09
N ARG C 190 -24.79 -14.69 -13.13
CA ARG C 190 -23.90 -14.01 -14.08
C ARG C 190 -22.67 -13.33 -13.45
N CYS C 191 -22.42 -13.53 -12.16
CA CYS C 191 -21.27 -12.92 -11.50
C CYS C 191 -20.80 -13.81 -10.37
N LEU C 192 -19.54 -13.68 -10.01
CA LEU C 192 -18.94 -14.46 -8.91
C LEU C 192 -18.90 -13.65 -7.62
N GLN C 193 -18.98 -14.35 -6.50
CA GLN C 193 -18.71 -13.76 -5.20
C GLN C 193 -17.27 -14.04 -4.82
N LYS C 194 -16.59 -13.06 -4.24
CA LYS C 194 -15.24 -13.28 -3.74
C LYS C 194 -15.21 -13.99 -2.39
N TRP C 195 -16.37 -14.08 -1.74
CA TRP C 195 -16.49 -14.83 -0.50
C TRP C 195 -17.94 -15.28 -0.35
N PHE C 196 -18.14 -16.40 0.34
CA PHE C 196 -19.47 -16.91 0.60
C PHE C 196 -19.46 -17.71 1.88
N GLU C 197 -20.63 -17.81 2.49
CA GLU C 197 -20.79 -18.54 3.74
C GLU C 197 -20.64 -20.04 3.42
N PRO C 198 -19.69 -20.73 4.07
CA PRO C 198 -19.40 -22.15 3.81
C PRO C 198 -20.64 -23.04 3.85
N ALA C 199 -21.52 -22.81 4.82
CA ALA C 199 -22.75 -23.59 4.96
C ALA C 199 -23.65 -23.58 3.73
N GLN C 200 -23.61 -22.51 2.92
CA GLN C 200 -24.55 -22.34 1.78
C GLN C 200 -24.06 -22.92 0.45
N GLY C 201 -22.84 -23.46 0.42
CA GLY C 201 -22.30 -24.04 -0.81
C GLY C 201 -21.80 -22.98 -1.77
N ASN C 202 -20.89 -23.41 -2.65
CA ASN C 202 -20.20 -22.48 -3.52
C ASN C 202 -21.11 -22.02 -4.66
N PRO C 203 -21.53 -20.74 -4.66
CA PRO C 203 -22.41 -20.26 -5.72
C PRO C 203 -21.69 -19.93 -7.03
N ASN C 204 -20.36 -20.00 -7.04
CA ASN C 204 -19.59 -19.68 -8.24
C ASN C 204 -19.44 -20.84 -9.19
N VAL C 205 -19.72 -22.06 -8.73
CA VAL C 205 -19.60 -23.24 -9.60
C VAL C 205 -20.51 -23.10 -10.83
N ALA C 206 -21.77 -22.74 -10.57
CA ALA C 206 -22.77 -22.53 -11.61
C ALA C 206 -22.37 -21.45 -12.63
N VAL C 207 -21.66 -20.44 -12.15
CA VAL C 207 -21.34 -19.28 -12.96
C VAL C 207 -20.22 -19.65 -13.91
N ALA C 208 -19.17 -20.30 -13.41
CA ALA C 208 -18.10 -20.80 -14.28
C ALA C 208 -18.65 -21.72 -15.35
N ARG C 209 -19.50 -22.64 -14.93
CA ARG C 209 -20.13 -23.59 -15.85
C ARG C 209 -20.87 -22.89 -16.99
N LEU C 210 -21.64 -21.87 -16.61
CA LEU C 210 -22.37 -21.07 -17.59
C LEU C 210 -21.40 -20.45 -18.61
N PHE C 211 -20.39 -19.73 -18.12
CA PHE C 211 -19.47 -19.02 -18.99
C PHE C 211 -18.54 -19.94 -19.76
N ALA C 212 -18.27 -21.15 -19.29
CA ALA C 212 -17.49 -22.10 -20.09
C ALA C 212 -18.30 -22.63 -21.26
N SER C 213 -19.61 -22.68 -21.12
CA SER C 213 -20.49 -23.15 -22.20
C SER C 213 -20.53 -22.14 -23.36
N GLU C 214 -20.23 -20.86 -23.09
CA GLU C 214 -20.20 -19.78 -24.07
C GLU C 214 -21.59 -19.52 -24.60
N GLY D 5 5.15 6.04 -14.72
CA GLY D 5 5.07 7.49 -15.02
C GLY D 5 5.42 7.79 -16.47
N ASP D 6 6.40 8.66 -16.66
CA ASP D 6 6.89 8.99 -18.02
C ASP D 6 7.45 7.77 -18.76
N GLU D 7 7.86 6.74 -18.02
CA GLU D 7 8.31 5.46 -18.60
C GLU D 7 7.22 4.71 -19.36
N LEU D 8 5.96 5.06 -19.14
CA LEU D 8 4.83 4.45 -19.86
C LEU D 8 4.48 5.14 -21.16
N LEU D 9 5.05 6.31 -21.42
CA LEU D 9 4.76 7.03 -22.63
C LEU D 9 5.71 6.62 -23.72
N ASN D 10 5.21 6.56 -24.94
CA ASN D 10 6.03 6.32 -26.10
C ASN D 10 6.87 5.04 -26.05
N ILE D 11 6.16 3.97 -25.73
CA ILE D 11 6.73 2.63 -25.68
C ILE D 11 5.85 1.66 -26.48
N CYS D 12 6.43 0.50 -26.76
CA CYS D 12 5.76 -0.59 -27.44
C CYS D 12 5.71 -1.78 -26.51
N MET D 13 4.55 -2.41 -26.42
CA MET D 13 4.45 -3.63 -25.63
C MET D 13 5.39 -4.70 -26.16
N ASN D 14 5.86 -5.52 -25.25
CA ASN D 14 6.68 -6.65 -25.61
C ASN D 14 5.84 -7.84 -26.07
N ALA D 15 5.26 -7.74 -27.26
CA ALA D 15 4.61 -8.88 -27.92
C ALA D 15 5.41 -9.28 -29.16
N LYS D 16 5.03 -10.38 -29.79
CA LYS D 16 5.93 -11.00 -30.77
C LYS D 16 6.24 -10.16 -32.00
N HIS D 17 5.32 -9.32 -32.46
CA HIS D 17 5.56 -8.55 -33.69
C HIS D 17 6.03 -7.14 -33.43
N HIS D 18 5.85 -6.65 -32.22
CA HIS D 18 6.10 -5.23 -31.97
C HIS D 18 7.56 -4.85 -32.10
N LYS D 19 7.77 -3.62 -32.56
CA LYS D 19 9.09 -3.01 -32.56
C LYS D 19 9.52 -2.77 -31.13
N ARG D 20 10.83 -2.74 -30.94
CA ARG D 20 11.40 -2.64 -29.61
C ARG D 20 11.11 -1.29 -29.00
N VAL D 21 11.17 -0.25 -29.82
CA VAL D 21 10.69 1.08 -29.43
C VAL D 21 10.00 1.73 -30.61
N PRO D 22 9.14 2.73 -30.35
CA PRO D 22 8.50 3.29 -31.53
C PRO D 22 9.45 4.18 -32.30
N SER D 23 9.21 4.30 -33.59
CA SER D 23 9.98 5.23 -34.43
C SER D 23 9.20 5.52 -35.69
N PRO D 24 9.57 6.59 -36.40
CA PRO D 24 8.84 6.88 -37.62
C PRO D 24 9.00 5.78 -38.66
N GLU D 25 8.00 5.64 -39.52
CA GLU D 25 8.05 4.71 -40.62
C GLU D 25 7.74 5.47 -41.90
N ASP D 26 8.66 5.39 -42.84
CA ASP D 26 8.56 6.11 -44.12
C ASP D 26 7.30 5.69 -44.85
N LYS D 27 7.04 4.39 -44.79
CA LYS D 27 5.91 3.74 -45.45
C LYS D 27 5.20 2.77 -44.49
N LEU D 28 3.91 3.02 -44.28
CA LEU D 28 3.01 2.02 -43.71
C LEU D 28 1.82 1.88 -44.61
N TYR D 29 1.23 0.70 -44.56
CA TYR D 29 0.27 0.28 -45.53
C TYR D 29 -1.14 0.68 -45.14
N GLU D 30 -1.81 1.34 -46.08
CA GLU D 30 -3.23 1.70 -46.04
C GLU D 30 -3.78 2.14 -44.68
N GLU D 31 -4.66 1.36 -44.08
CA GLU D 31 -5.27 1.66 -42.76
C GLU D 31 -4.31 1.96 -41.60
N CYS D 32 -3.06 1.53 -41.70
CA CYS D 32 -2.04 1.83 -40.68
C CYS D 32 -1.33 3.20 -40.88
N ILE D 33 -1.64 3.91 -41.96
CA ILE D 33 -0.97 5.19 -42.26
C ILE D 33 -1.01 6.22 -41.11
N PRO D 34 -2.13 6.32 -40.37
CA PRO D 34 -2.15 7.30 -39.27
C PRO D 34 -0.98 7.23 -38.26
N TRP D 35 -0.37 6.06 -38.10
CA TRP D 35 0.71 5.86 -37.12
C TRP D 35 2.12 6.10 -37.64
N LYS D 36 2.26 6.50 -38.90
CA LYS D 36 3.58 6.46 -39.53
C LYS D 36 4.57 7.50 -38.96
N ASP D 37 4.02 8.57 -38.37
CA ASP D 37 4.78 9.52 -37.51
C ASP D 37 5.69 8.86 -36.48
N ASN D 38 5.14 7.83 -35.84
CA ASN D 38 5.78 7.23 -34.68
C ASN D 38 5.06 5.91 -34.39
N ALA D 39 5.62 4.81 -34.88
CA ALA D 39 4.93 3.52 -34.95
C ALA D 39 5.67 2.42 -34.23
N CYS D 40 4.88 1.53 -33.65
CA CYS D 40 5.37 0.29 -33.05
C CYS D 40 5.29 -0.88 -34.01
N CYS D 41 4.81 -0.64 -35.23
CA CYS D 41 4.69 -1.68 -36.25
C CYS D 41 5.62 -1.39 -37.41
N THR D 42 6.16 -2.45 -38.00
CA THR D 42 6.98 -2.36 -39.20
C THR D 42 6.08 -2.31 -40.42
N LEU D 43 6.68 -1.98 -41.56
CA LEU D 43 5.97 -2.00 -42.83
C LEU D 43 5.39 -3.39 -43.06
N THR D 44 6.18 -4.41 -42.77
CA THR D 44 5.73 -5.79 -42.94
C THR D 44 4.47 -6.10 -42.15
N THR D 45 4.49 -5.75 -40.88
CA THR D 45 3.34 -5.98 -40.02
C THR D 45 2.12 -5.26 -40.61
N SER D 46 2.32 -4.01 -41.04
CA SER D 46 1.20 -3.23 -41.54
C SER D 46 0.55 -3.91 -42.73
N TRP D 47 1.33 -4.46 -43.67
CA TRP D 47 0.66 -5.14 -44.81
C TRP D 47 0.08 -6.49 -44.40
N GLU D 48 0.76 -7.20 -43.52
CA GLU D 48 0.20 -8.44 -42.97
C GLU D 48 -1.14 -8.24 -42.26
N ALA D 49 -1.34 -7.06 -41.70
CA ALA D 49 -2.63 -6.70 -41.11
C ALA D 49 -3.80 -6.66 -42.12
N HIS D 50 -3.50 -6.38 -43.37
CA HIS D 50 -4.49 -6.29 -44.45
C HIS D 50 -4.77 -7.57 -45.21
N LEU D 51 -4.05 -8.64 -44.89
CA LEU D 51 -4.26 -9.91 -45.58
C LEU D 51 -5.61 -10.46 -45.23
N ASP D 52 -6.19 -11.16 -46.21
CA ASP D 52 -7.52 -11.76 -46.06
C ASP D 52 -7.66 -12.50 -44.74
N VAL D 53 -6.62 -13.26 -44.40
CA VAL D 53 -6.48 -13.85 -43.09
C VAL D 53 -5.08 -13.51 -42.62
N SER D 54 -4.99 -12.61 -41.66
CA SER D 54 -3.69 -12.09 -41.22
C SER D 54 -2.88 -13.19 -40.56
N PRO D 55 -1.62 -13.39 -41.02
CA PRO D 55 -0.74 -14.37 -40.37
C PRO D 55 -0.23 -13.91 -39.00
N LEU D 56 -0.50 -12.64 -38.65
CA LEU D 56 -0.20 -12.10 -37.33
C LEU D 56 -0.88 -12.92 -36.23
N TYR D 57 -2.12 -13.38 -36.48
CA TYR D 57 -2.87 -14.22 -35.52
C TYR D 57 -3.43 -15.57 -36.09
N ASN D 58 -3.32 -15.80 -37.40
CA ASN D 58 -3.98 -16.92 -38.08
C ASN D 58 -5.48 -17.08 -37.75
N PHE D 59 -6.15 -15.94 -37.54
CA PHE D 59 -7.57 -15.91 -37.22
C PHE D 59 -8.42 -15.36 -38.38
N SER D 60 -9.34 -16.15 -38.90
CA SER D 60 -10.16 -15.72 -40.05
C SER D 60 -11.43 -15.00 -39.61
N LEU D 61 -11.59 -13.78 -40.11
CA LEU D 61 -12.85 -13.04 -39.95
C LEU D 61 -13.97 -13.54 -40.87
N PHE D 62 -13.60 -14.34 -41.87
CA PHE D 62 -14.55 -14.87 -42.87
C PHE D 62 -15.16 -16.20 -42.50
N HIS D 63 -15.02 -16.60 -41.24
CA HIS D 63 -15.59 -17.85 -40.74
C HIS D 63 -17.08 -18.07 -41.03
N CYS D 64 -17.84 -17.00 -41.26
CA CYS D 64 -19.21 -17.16 -41.75
C CYS D 64 -19.45 -16.71 -43.20
N GLY D 65 -18.40 -16.44 -43.96
CA GLY D 65 -18.53 -16.09 -45.40
C GLY D 65 -19.01 -14.68 -45.72
N LEU D 66 -20.05 -14.23 -45.04
CA LEU D 66 -20.63 -12.91 -45.24
C LEU D 66 -20.03 -11.86 -44.29
N LEU D 67 -19.03 -11.14 -44.76
CA LEU D 67 -18.41 -10.08 -43.96
C LEU D 67 -18.34 -8.87 -44.86
N MET D 68 -18.98 -7.79 -44.46
CA MET D 68 -19.07 -6.59 -45.29
C MET D 68 -17.75 -5.84 -45.29
N PRO D 69 -17.39 -5.23 -46.41
CA PRO D 69 -16.14 -4.47 -46.43
C PRO D 69 -16.06 -3.37 -45.37
N GLY D 70 -17.17 -2.66 -45.16
CA GLY D 70 -17.26 -1.64 -44.11
C GLY D 70 -16.92 -2.17 -42.74
N CYS D 71 -17.32 -3.40 -42.49
CA CYS D 71 -17.05 -4.08 -41.24
C CYS D 71 -15.59 -4.50 -41.16
N ARG D 72 -15.10 -5.18 -42.20
CA ARG D 72 -13.72 -5.68 -42.16
C ARG D 72 -12.75 -4.53 -42.01
N LYS D 73 -13.04 -3.40 -42.65
CA LYS D 73 -12.23 -2.20 -42.48
C LYS D 73 -11.97 -1.82 -41.01
N HIS D 74 -13.01 -1.87 -40.17
CA HIS D 74 -12.87 -1.60 -38.74
C HIS D 74 -11.90 -2.58 -38.06
N PHE D 75 -12.04 -3.86 -38.40
CA PHE D 75 -11.19 -4.90 -37.82
C PHE D 75 -9.74 -4.69 -38.20
N ILE D 76 -9.48 -4.29 -39.44
CA ILE D 76 -8.11 -4.00 -39.88
C ILE D 76 -7.56 -2.81 -39.10
N GLN D 77 -8.38 -1.77 -38.95
CA GLN D 77 -7.95 -0.60 -38.20
C GLN D 77 -7.60 -0.96 -36.76
N ALA D 78 -8.40 -1.81 -36.16
CA ALA D 78 -8.10 -2.33 -34.82
C ALA D 78 -6.73 -3.02 -34.72
N ILE D 79 -6.39 -3.80 -35.74
CA ILE D 79 -5.09 -4.46 -35.75
C ILE D 79 -4.00 -3.40 -35.79
N CYS D 80 -4.13 -2.43 -36.71
CA CYS D 80 -3.14 -1.36 -36.84
C CYS D 80 -2.93 -0.67 -35.49
N PHE D 81 -4.04 -0.35 -34.84
CA PHE D 81 -4.02 0.33 -33.54
C PHE D 81 -3.21 -0.47 -32.53
N TYR D 82 -3.56 -1.75 -32.41
CA TYR D 82 -2.89 -2.69 -31.50
C TYR D 82 -1.40 -2.82 -31.79
N GLU D 83 -1.07 -3.04 -33.05
CA GLU D 83 0.32 -3.31 -33.45
C GLU D 83 1.17 -2.06 -33.60
N CYS D 84 0.53 -0.92 -33.87
CA CYS D 84 1.25 0.32 -34.21
C CYS D 84 1.28 1.40 -33.14
N SER D 85 0.27 1.48 -32.27
CA SER D 85 0.18 2.61 -31.36
C SER D 85 1.36 2.62 -30.40
N PRO D 86 2.02 3.81 -30.26
CA PRO D 86 3.00 4.04 -29.19
C PRO D 86 2.36 4.58 -27.91
N ASN D 87 1.03 4.57 -27.84
CA ASN D 87 0.29 5.25 -26.77
C ASN D 87 -0.52 4.31 -25.87
N LEU D 88 -0.13 3.04 -25.84
CA LEU D 88 -0.84 2.05 -25.04
C LEU D 88 -0.18 1.74 -23.69
N GLY D 89 0.96 2.36 -23.41
CA GLY D 89 1.77 2.03 -22.23
C GLY D 89 1.03 1.93 -20.93
N PRO D 90 0.13 2.87 -20.66
CA PRO D 90 -0.64 2.78 -19.41
C PRO D 90 -1.56 1.57 -19.26
N TRP D 91 -1.85 0.86 -20.34
CA TRP D 91 -2.71 -0.33 -20.26
C TRP D 91 -1.93 -1.59 -20.53
N ILE D 92 -0.60 -1.50 -20.67
CA ILE D 92 0.23 -2.68 -20.85
C ILE D 92 0.35 -3.41 -19.52
N GLN D 93 0.22 -4.73 -19.56
CA GLN D 93 0.31 -5.59 -18.39
C GLN D 93 0.97 -6.91 -18.82
N PRO D 94 1.58 -7.66 -17.87
CA PRO D 94 2.26 -8.93 -18.25
C PRO D 94 1.50 -10.13 -18.91
N GLY D 108 6.25 -12.30 -22.61
CA GLY D 108 5.21 -11.62 -23.37
C GLY D 108 4.53 -10.54 -22.55
N GLU D 109 4.07 -9.49 -23.24
CA GLU D 109 3.19 -8.48 -22.68
C GLU D 109 1.96 -8.33 -23.58
N ARG D 110 0.95 -7.70 -23.02
CA ARG D 110 -0.29 -7.48 -23.71
C ARG D 110 -0.91 -6.21 -23.13
N VAL D 111 -2.13 -5.96 -23.52
CA VAL D 111 -2.83 -4.79 -23.15
C VAL D 111 -4.17 -5.24 -22.55
N VAL D 112 -4.67 -4.52 -21.55
CA VAL D 112 -5.96 -4.86 -20.94
C VAL D 112 -6.81 -3.60 -20.77
N ASN D 113 -8.05 -3.67 -21.26
CA ASN D 113 -9.08 -2.64 -21.08
C ASN D 113 -8.69 -1.23 -21.52
N VAL D 114 -8.02 -1.14 -22.66
CA VAL D 114 -7.77 0.15 -23.29
C VAL D 114 -9.13 0.78 -23.57
N PRO D 115 -9.38 1.97 -23.03
CA PRO D 115 -10.70 2.57 -23.18
C PRO D 115 -10.91 3.19 -24.55
N LEU D 116 -11.79 2.58 -25.33
CA LEU D 116 -12.11 3.10 -26.66
C LEU D 116 -13.30 4.01 -26.56
N CYS D 117 -13.22 5.14 -27.27
CA CYS D 117 -14.29 6.12 -27.25
C CYS D 117 -15.59 5.55 -27.77
N GLN D 118 -16.67 6.12 -27.29
CA GLN D 118 -18.00 5.65 -27.63
C GLN D 118 -18.25 5.57 -29.14
N GLU D 119 -17.84 6.61 -29.86
CA GLU D 119 -18.02 6.65 -31.32
C GLU D 119 -17.27 5.52 -32.02
N ASP D 120 -16.10 5.18 -31.52
CA ASP D 120 -15.34 4.09 -32.12
C ASP D 120 -16.06 2.76 -32.04
N CYS D 121 -16.61 2.45 -30.88
CA CYS D 121 -17.37 1.22 -30.69
C CYS D 121 -18.71 1.26 -31.42
N GLU D 122 -19.35 2.41 -31.37
CA GLU D 122 -20.64 2.65 -31.99
C GLU D 122 -20.58 2.39 -33.50
N GLU D 123 -19.62 3.05 -34.15
CA GLU D 123 -19.49 3.00 -35.61
C GLU D 123 -19.13 1.62 -36.09
N TRP D 124 -18.23 0.99 -35.33
CA TRP D 124 -17.77 -0.37 -35.63
C TRP D 124 -18.95 -1.32 -35.57
N TRP D 125 -19.74 -1.19 -34.50
CA TRP D 125 -20.95 -2.00 -34.35
C TRP D 125 -21.96 -1.76 -35.47
N GLU D 126 -22.25 -0.48 -35.73
CA GLU D 126 -23.20 -0.10 -36.79
C GLU D 126 -22.81 -0.66 -38.15
N ASP D 127 -21.54 -0.50 -38.51
CA ASP D 127 -21.03 -1.01 -39.78
C ASP D 127 -20.92 -2.53 -39.89
N CYS D 128 -20.96 -3.24 -38.77
CA CYS D 128 -20.92 -4.72 -38.76
C CYS D 128 -22.26 -5.44 -38.55
N ARG D 129 -23.35 -4.69 -38.36
CA ARG D 129 -24.70 -5.27 -38.09
C ARG D 129 -25.11 -6.27 -39.11
N MET D 130 -24.87 -5.92 -40.36
CA MET D 130 -25.27 -6.73 -41.51
C MET D 130 -24.32 -7.88 -41.86
N SER D 131 -23.14 -7.93 -41.23
CA SER D 131 -22.21 -9.05 -41.43
C SER D 131 -22.56 -10.22 -40.48
N TYR D 132 -21.95 -11.37 -40.71
CA TYR D 132 -22.32 -12.61 -40.00
C TYR D 132 -21.16 -13.22 -39.22
N THR D 133 -21.46 -13.73 -38.02
CA THR D 133 -20.53 -14.54 -37.23
C THR D 133 -21.30 -15.70 -36.60
N CYS D 134 -20.59 -16.62 -35.94
CA CYS D 134 -21.21 -17.79 -35.29
C CYS D 134 -20.98 -17.92 -33.80
N LYS D 135 -20.27 -16.97 -33.19
CA LYS D 135 -19.91 -17.02 -31.77
C LYS D 135 -19.92 -15.61 -31.21
N SER D 136 -20.31 -15.48 -29.95
CA SER D 136 -20.24 -14.18 -29.27
C SER D 136 -18.96 -14.03 -28.46
N ASN D 137 -18.20 -15.11 -28.28
CA ASN D 137 -16.90 -14.98 -27.66
C ASN D 137 -15.80 -15.64 -28.46
N TRP D 138 -15.00 -14.81 -29.10
CA TRP D 138 -14.03 -15.27 -30.08
C TRP D 138 -12.74 -15.76 -29.47
N ARG D 139 -12.57 -15.60 -28.15
CA ARG D 139 -11.29 -15.88 -27.49
C ARG D 139 -10.91 -17.37 -27.57
N GLY D 140 -11.91 -18.24 -27.62
CA GLY D 140 -11.66 -19.67 -27.77
C GLY D 140 -12.88 -20.45 -28.20
N GLY D 141 -12.72 -21.76 -28.33
CA GLY D 141 -13.83 -22.67 -28.65
C GLY D 141 -14.14 -22.77 -30.13
N TRP D 142 -13.13 -22.52 -30.94
CA TRP D 142 -13.24 -22.68 -32.37
C TRP D 142 -12.84 -24.07 -32.75
N ASP D 143 -13.32 -24.48 -33.90
CA ASP D 143 -12.81 -25.65 -34.56
C ASP D 143 -11.59 -25.24 -35.39
N TRP D 144 -10.45 -25.90 -35.17
CA TRP D 144 -9.15 -25.43 -35.70
C TRP D 144 -8.45 -26.42 -36.65
N SER D 145 -9.19 -27.06 -37.54
CA SER D 145 -8.63 -28.14 -38.35
C SER D 145 -7.73 -27.72 -39.53
N GLN D 146 -7.98 -26.56 -40.14
CA GLN D 146 -7.17 -26.11 -41.30
C GLN D 146 -5.96 -25.23 -40.91
N GLY D 147 -5.65 -25.16 -39.61
CA GLY D 147 -4.80 -24.07 -39.08
C GLY D 147 -5.48 -22.70 -39.13
N LYS D 148 -6.77 -22.72 -39.50
CA LYS D 148 -7.63 -21.56 -39.54
C LYS D 148 -8.88 -22.02 -38.85
N ASN D 149 -9.46 -21.10 -38.10
CA ASN D 149 -10.63 -21.38 -37.30
C ASN D 149 -11.86 -21.53 -38.17
N ARG D 150 -12.72 -22.45 -37.77
CA ARG D 150 -14.04 -22.63 -38.32
C ARG D 150 -15.09 -22.70 -37.25
N CYS D 151 -16.32 -22.45 -37.64
CA CYS D 151 -17.43 -22.53 -36.71
C CYS D 151 -17.58 -23.94 -36.23
N PRO D 152 -17.70 -24.15 -34.91
CA PRO D 152 -17.83 -25.51 -34.44
C PRO D 152 -19.23 -26.02 -34.78
N LYS D 153 -19.40 -27.34 -34.72
CA LYS D 153 -20.69 -27.96 -35.08
C LYS D 153 -21.80 -27.41 -34.19
N GLY D 154 -22.92 -27.03 -34.81
CA GLY D 154 -24.04 -26.42 -34.08
C GLY D 154 -24.02 -24.90 -33.89
N ALA D 155 -22.88 -24.26 -34.16
CA ALA D 155 -22.77 -22.79 -34.09
C ALA D 155 -23.33 -22.17 -35.37
N GLN D 156 -24.55 -21.64 -35.29
CA GLN D 156 -25.20 -21.03 -36.44
C GLN D 156 -24.64 -19.70 -36.83
N CYS D 157 -24.48 -19.47 -38.13
CA CYS D 157 -24.06 -18.17 -38.62
C CYS D 157 -25.23 -17.24 -38.61
N LEU D 158 -25.11 -16.17 -37.86
CA LEU D 158 -26.19 -15.19 -37.71
C LEU D 158 -25.61 -13.78 -37.74
N PRO D 159 -26.47 -12.76 -37.81
CA PRO D 159 -25.91 -11.41 -37.84
C PRO D 159 -25.10 -11.08 -36.60
N PHE D 160 -24.06 -10.27 -36.80
CA PHE D 160 -23.28 -9.76 -35.67
C PHE D 160 -24.17 -9.21 -34.58
N SER D 161 -25.17 -8.42 -34.96
CA SER D 161 -26.10 -7.86 -33.97
C SER D 161 -26.79 -8.92 -33.09
N HIS D 162 -26.87 -10.17 -33.56
CA HIS D 162 -27.34 -11.28 -32.69
C HIS D 162 -26.30 -11.69 -31.65
N TYR D 163 -25.08 -11.96 -32.07
CA TYR D 163 -24.04 -12.43 -31.14
C TYR D 163 -23.39 -11.29 -30.32
N PHE D 164 -23.46 -10.07 -30.84
CA PHE D 164 -22.94 -8.87 -30.17
C PHE D 164 -24.07 -7.88 -30.06
N PRO D 165 -24.95 -8.09 -29.06
CA PRO D 165 -26.15 -7.24 -28.98
C PRO D 165 -25.85 -5.77 -28.91
N THR D 166 -24.74 -5.39 -28.28
CA THR D 166 -24.38 -3.98 -28.14
C THR D 166 -22.97 -3.71 -28.62
N PRO D 167 -22.67 -2.44 -28.94
CA PRO D 167 -21.31 -2.05 -29.30
C PRO D 167 -20.25 -2.50 -28.30
N ALA D 168 -20.55 -2.34 -27.01
CA ALA D 168 -19.65 -2.78 -25.97
C ALA D 168 -19.31 -4.25 -26.10
N ASP D 169 -20.30 -5.09 -26.39
CA ASP D 169 -20.05 -6.53 -26.58
C ASP D 169 -18.99 -6.79 -27.67
N LEU D 170 -19.15 -6.07 -28.76
CA LEU D 170 -18.28 -6.20 -29.91
C LEU D 170 -16.85 -5.74 -29.62
N CYS D 171 -16.72 -4.51 -29.13
CA CYS D 171 -15.42 -3.95 -28.71
C CYS D 171 -14.64 -4.85 -27.76
N GLU D 172 -15.35 -5.39 -26.79
CA GLU D 172 -14.71 -6.12 -25.70
C GLU D 172 -14.41 -7.59 -26.01
N LYS D 173 -15.35 -8.29 -26.67
CA LYS D 173 -15.25 -9.77 -26.83
C LYS D 173 -14.56 -10.32 -28.08
N THR D 174 -14.33 -9.46 -29.05
CA THR D 174 -13.60 -9.83 -30.27
C THR D 174 -12.10 -9.82 -30.07
N TRP D 175 -11.61 -9.01 -29.14
CA TRP D 175 -10.19 -8.83 -28.88
C TRP D 175 -9.77 -9.24 -27.46
N SER D 176 -10.56 -10.13 -26.86
CA SER D 176 -10.20 -10.77 -25.61
C SER D 176 -9.81 -9.75 -24.51
N ASN D 177 -10.68 -8.75 -24.39
CA ASN D 177 -10.54 -7.65 -23.37
C ASN D 177 -9.29 -6.76 -23.49
N SER D 178 -8.68 -6.73 -24.67
CA SER D 178 -7.68 -5.71 -24.97
C SER D 178 -8.32 -4.33 -24.90
N PHE D 179 -9.59 -4.25 -25.34
CA PHE D 179 -10.33 -3.00 -25.37
C PHE D 179 -11.48 -3.03 -24.39
N LYS D 180 -11.80 -1.84 -23.90
CA LYS D 180 -12.99 -1.61 -23.09
C LYS D 180 -13.81 -0.54 -23.78
N ALA D 181 -15.13 -0.72 -23.80
CA ALA D 181 -16.01 0.28 -24.39
C ALA D 181 -16.25 1.40 -23.41
N SER D 182 -15.56 2.52 -23.62
CA SER D 182 -15.64 3.62 -22.68
C SER D 182 -16.99 4.32 -22.81
N PRO D 183 -17.55 4.78 -21.68
CA PRO D 183 -18.71 5.68 -21.78
C PRO D 183 -18.34 7.11 -22.21
N GLU D 184 -17.04 7.46 -22.16
CA GLU D 184 -16.55 8.76 -22.63
C GLU D 184 -16.55 8.83 -24.16
N ARG D 185 -16.69 10.04 -24.68
CA ARG D 185 -16.76 10.27 -26.13
C ARG D 185 -15.46 10.87 -26.65
N ARG D 186 -15.35 10.92 -27.97
CA ARG D 186 -14.16 11.43 -28.62
C ARG D 186 -13.94 12.86 -28.20
N ASN D 187 -12.68 13.24 -28.11
CA ASN D 187 -12.24 14.57 -27.64
C ASN D 187 -12.58 14.90 -26.20
N SER D 188 -12.99 13.89 -25.43
CA SER D 188 -13.15 14.04 -23.97
C SER D 188 -11.79 14.07 -23.26
N GLY D 189 -10.74 13.62 -23.93
CA GLY D 189 -9.43 13.45 -23.29
C GLY D 189 -9.34 12.20 -22.42
N ARG D 190 -10.43 11.45 -22.30
CA ARG D 190 -10.50 10.27 -21.42
C ARG D 190 -10.65 8.92 -22.14
N CYS D 191 -10.54 8.90 -23.47
CA CYS D 191 -10.64 7.65 -24.22
C CYS D 191 -9.81 7.74 -25.49
N LEU D 192 -9.41 6.58 -26.00
CA LEU D 192 -8.62 6.51 -27.22
C LEU D 192 -9.48 6.21 -28.42
N GLN D 193 -9.05 6.70 -29.57
CA GLN D 193 -9.62 6.28 -30.85
C GLN D 193 -8.79 5.15 -31.44
N LYS D 194 -9.44 4.16 -32.02
CA LYS D 194 -8.71 3.10 -32.73
C LYS D 194 -8.27 3.50 -34.13
N TRP D 195 -8.79 4.63 -34.62
CA TRP D 195 -8.34 5.18 -35.89
C TRP D 195 -8.59 6.67 -35.89
N PHE D 196 -7.78 7.41 -36.62
CA PHE D 196 -7.94 8.85 -36.74
C PHE D 196 -7.39 9.31 -38.08
N GLU D 197 -7.91 10.45 -38.53
CA GLU D 197 -7.51 11.01 -39.80
C GLU D 197 -6.08 11.54 -39.64
N PRO D 198 -5.14 11.06 -40.49
CA PRO D 198 -3.72 11.44 -40.38
C PRO D 198 -3.49 12.94 -40.32
N ALA D 199 -4.21 13.70 -41.15
CA ALA D 199 -4.08 15.15 -41.19
C ALA D 199 -4.33 15.85 -39.84
N GLN D 200 -5.15 15.28 -38.96
CA GLN D 200 -5.56 15.94 -37.70
C GLN D 200 -4.65 15.67 -36.51
N GLY D 201 -3.63 14.82 -36.68
CA GLY D 201 -2.71 14.51 -35.59
C GLY D 201 -3.28 13.51 -34.61
N ASN D 202 -2.40 12.83 -33.90
CA ASN D 202 -2.80 11.71 -33.06
C ASN D 202 -3.45 12.22 -31.79
N PRO D 203 -4.77 12.01 -31.62
CA PRO D 203 -5.44 12.49 -30.42
C PRO D 203 -5.23 11.60 -29.19
N ASN D 204 -4.59 10.46 -29.36
CA ASN D 204 -4.37 9.53 -28.25
C ASN D 204 -3.14 9.86 -27.43
N VAL D 205 -2.25 10.71 -27.95
CA VAL D 205 -1.02 11.07 -27.22
C VAL D 205 -1.38 11.73 -25.88
N ALA D 206 -2.30 12.70 -25.94
CA ALA D 206 -2.82 13.39 -24.76
C ALA D 206 -3.45 12.47 -23.71
N VAL D 207 -4.10 11.41 -24.18
CA VAL D 207 -4.87 10.52 -23.33
C VAL D 207 -3.90 9.63 -22.56
N ALA D 208 -2.93 9.04 -23.24
CA ALA D 208 -1.89 8.24 -22.58
C ALA D 208 -1.18 9.06 -21.53
N ARG D 209 -0.81 10.29 -21.91
CA ARG D 209 -0.11 11.21 -21.01
C ARG D 209 -0.90 11.45 -19.72
N LEU D 210 -2.20 11.69 -19.89
CA LEU D 210 -3.09 11.90 -18.76
C LEU D 210 -3.08 10.68 -17.84
N PHE D 211 -3.32 9.51 -18.40
CA PHE D 211 -3.41 8.30 -17.60
C PHE D 211 -2.08 7.84 -17.04
N ALA D 212 -0.96 8.18 -17.65
CA ALA D 212 0.34 7.85 -17.05
C ALA D 212 0.62 8.73 -15.84
N SER D 213 0.04 9.93 -15.81
CA SER D 213 0.23 10.83 -14.68
C SER D 213 -0.54 10.33 -13.44
N GLU D 214 -1.58 9.51 -13.65
CA GLU D 214 -2.39 8.91 -12.58
C GLU D 214 -3.16 9.99 -11.84
#